data_5HU6
#
_entry.id   5HU6
#
_cell.length_a   222.290
_cell.length_b   56.560
_cell.length_c   66.100
_cell.angle_alpha   90.00
_cell.angle_beta   92.97
_cell.angle_gamma   90.00
#
_symmetry.space_group_name_H-M   'C 1 2 1'
#
loop_
_entity.id
_entity.type
_entity.pdbx_description
1 polymer 'Hemoglobin subunit alpha'
2 polymer 'Hemoglobin subunit beta'
3 polymer Haptoglobin
4 polymer 'Haptoglobin-hemoglobin receptor'
5 non-polymer 'PROTOPORPHYRIN IX CONTAINING FE'
6 non-polymer 'OXYGEN MOLECULE'
7 non-polymer 2-acetamido-2-deoxy-beta-D-glucopyranose
#
loop_
_entity_poly.entity_id
_entity_poly.type
_entity_poly.pdbx_seq_one_letter_code
_entity_poly.pdbx_strand_id
1 'polypeptide(L)'
;VLSPADKTNVKAAWGKVGAHAGEYGAEALERMFLSFPTTKTYFPHFDLSHGSAQVKGHGKKVADALTNAVAHVDDMPNAL
SALSDLHAHKLRVDPVNFKLLSHCLLVTLAAHLPAEFTPAVHASLDKFLASVSTVLTSKYR
;
A
2 'polypeptide(L)'
;HLTPEEKSAVTALWGKVNVDEVGGEALGRLLVVYPWTQRFFESFGDLSTPDAVMGNPKVKAHGKKVLGAFSDGLAHLDNL
KGTFATLSELHCDKLHVDPENFRLLGNVLVCVLAHHFGKEFTPPVQAAYQKVVAGVANALA
;
B
3 'polypeptide(L)'
;VCGKPKNPANPVQRILGGHLDAKGSFPWQAKMVSHHNLTTGATLINEQWLLTTAKNLFLNHSENATAKDIAPTLTLYVGK
KQLVEIEKVVLHPNYSQVDIGLIKLKQKVSVNERVMPICLPSKDYAEVGRVGYVSGWGRNANFKFTDHLKYVMLPVADQD
QCIRHYEGSTVPEKKTPKSPVGVQPILNEHTFCAGMSKYQEDTCYGDAGSAFAVHDLEEDTWYATGILSFDKSCAVAEYG
VYVKVTSIQDWVQKTIAEN
;
C
4 'polypeptide(L)'
;GLKTKDEVEKACHLAQQLKEVSITLGVIYRTTERHSVQVEAHKTAIDKHADAVSRAVEALTRVDVALQRLKELGKANDTK
AVKIIENITSARENLALFNNETQAVLTARDHVHKHRAAALQGWSDAKEKGDAAAEDVWVLLNAAKKGNGSADAKAAAEKC
SRYSSSSTSETELQKAIDAAANVGGLSAHKSKYGDVLNKFKLSNASVGAVRDTSGRGGKHMEKVNNVAKLLKDAEVSLAA
AAAEIEEVKNAHETKVQEEM
;
D
#
loop_
_chem_comp.id
_chem_comp.type
_chem_comp.name
_chem_comp.formula
HEM non-polymer 'PROTOPORPHYRIN IX CONTAINING FE' 'C34 H32 Fe N4 O4'
NAG D-saccharide, beta linking 2-acetamido-2-deoxy-beta-D-glucopyranose 'C8 H15 N O6'
OXY non-polymer 'OXYGEN MOLECULE' O2
#
# COMPACT_ATOMS: atom_id res chain seq x y z
N VAL A 1 -12.03 -1.45 -5.98
CA VAL A 1 -13.08 -2.45 -6.16
C VAL A 1 -14.23 -2.20 -5.21
N LEU A 2 -15.49 -2.19 -5.73
CA LEU A 2 -16.61 -2.04 -4.83
C LEU A 2 -17.13 -3.40 -4.46
N SER A 3 -17.15 -3.68 -3.17
CA SER A 3 -17.73 -4.91 -2.67
C SER A 3 -19.28 -4.79 -2.71
N PRO A 4 -19.99 -5.93 -2.56
CA PRO A 4 -21.46 -5.86 -2.51
C PRO A 4 -21.92 -4.95 -1.37
N ALA A 5 -21.21 -4.98 -0.24
CA ALA A 5 -21.53 -4.15 0.92
C ALA A 5 -21.37 -2.69 0.58
N ASP A 6 -20.33 -2.34 -0.19
CA ASP A 6 -20.16 -0.96 -0.61
C ASP A 6 -21.28 -0.52 -1.51
N LYS A 7 -21.63 -1.37 -2.47
CA LYS A 7 -22.69 -1.05 -3.40
C LYS A 7 -23.99 -0.76 -2.70
N THR A 8 -24.31 -1.56 -1.67
CA THR A 8 -25.50 -1.36 -0.86
C THR A 8 -25.47 0.01 -0.15
N ASN A 9 -24.32 0.36 0.43
CA ASN A 9 -24.13 1.64 1.11
C ASN A 9 -24.31 2.81 0.16
N VAL A 10 -23.76 2.70 -1.05
CA VAL A 10 -23.87 3.75 -2.07
C VAL A 10 -25.28 3.95 -2.55
N LYS A 11 -25.96 2.83 -2.86
CA LYS A 11 -27.35 2.88 -3.31
C LYS A 11 -28.25 3.48 -2.25
N ALA A 12 -28.02 3.15 -0.97
CA ALA A 12 -28.82 3.70 0.13
C ALA A 12 -28.54 5.19 0.32
N ALA A 13 -27.27 5.58 0.41
CA ALA A 13 -26.95 7.01 0.59
C ALA A 13 -27.46 7.85 -0.58
N TRP A 14 -27.34 7.33 -1.81
CA TRP A 14 -27.79 8.10 -2.97
C TRP A 14 -29.30 8.09 -3.15
N GLY A 15 -29.95 7.05 -2.64
CA GLY A 15 -31.41 6.97 -2.57
C GLY A 15 -31.97 8.04 -1.63
N LYS A 16 -31.24 8.37 -0.53
CA LYS A 16 -31.64 9.44 0.41
C LYS A 16 -31.48 10.81 -0.23
N VAL A 17 -30.42 10.98 -0.99
CA VAL A 17 -30.18 12.21 -1.72
C VAL A 17 -31.40 12.45 -2.64
N GLY A 18 -31.82 11.39 -3.32
CA GLY A 18 -32.96 11.45 -4.22
C GLY A 18 -32.98 12.65 -5.15
N ALA A 19 -34.11 13.40 -5.12
CA ALA A 19 -34.35 14.60 -5.94
C ALA A 19 -33.48 15.81 -5.64
N HIS A 20 -32.69 15.78 -4.54
CA HIS A 20 -31.78 16.87 -4.17
C HIS A 20 -30.47 16.84 -4.95
N ALA A 21 -30.25 15.81 -5.78
CA ALA A 21 -28.99 15.53 -6.44
C ALA A 21 -28.44 16.71 -7.21
N GLY A 22 -29.27 17.41 -7.99
CA GLY A 22 -28.85 18.62 -8.72
C GLY A 22 -28.33 19.75 -7.85
N GLU A 23 -29.08 20.03 -6.77
CA GLU A 23 -28.75 21.01 -5.74
C GLU A 23 -27.43 20.63 -5.08
N TYR A 24 -27.25 19.33 -4.77
CA TYR A 24 -26.01 18.89 -4.14
C TYR A 24 -24.83 18.97 -5.10
N GLY A 25 -25.08 18.63 -6.35
CA GLY A 25 -24.08 18.76 -7.40
C GLY A 25 -23.63 20.19 -7.55
N ALA A 26 -24.60 21.14 -7.62
CA ALA A 26 -24.31 22.57 -7.75
C ALA A 26 -23.50 23.09 -6.55
N GLU A 27 -23.84 22.65 -5.31
CA GLU A 27 -23.12 23.04 -4.11
C GLU A 27 -21.69 22.46 -4.10
N ALA A 28 -21.49 21.19 -4.55
CA ALA A 28 -20.16 20.59 -4.60
C ALA A 28 -19.28 21.38 -5.54
N LEU A 29 -19.81 21.82 -6.71
CA LEU A 29 -19.05 22.66 -7.66
C LEU A 29 -18.72 24.00 -7.03
N GLU A 30 -19.71 24.62 -6.36
CA GLU A 30 -19.53 25.89 -5.67
C GLU A 30 -18.44 25.78 -4.63
N ARG A 31 -18.47 24.71 -3.79
CA ARG A 31 -17.40 24.48 -2.81
C ARG A 31 -16.05 24.27 -3.51
N MET A 32 -16.02 23.51 -4.64
CA MET A 32 -14.77 23.27 -5.34
C MET A 32 -14.19 24.59 -5.86
N PHE A 33 -14.99 25.41 -6.55
CA PHE A 33 -14.52 26.67 -7.11
C PHE A 33 -13.93 27.64 -6.08
N LEU A 34 -14.59 27.74 -4.93
CA LEU A 34 -14.20 28.61 -3.82
C LEU A 34 -13.00 28.05 -3.02
N SER A 35 -12.99 26.74 -2.68
CA SER A 35 -11.85 26.16 -1.94
C SER A 35 -10.60 25.98 -2.81
N PHE A 36 -10.77 25.66 -4.11
CA PHE A 36 -9.66 25.38 -5.03
C PHE A 36 -9.83 26.20 -6.29
N PRO A 37 -9.46 27.49 -6.18
CA PRO A 37 -9.68 28.42 -7.30
C PRO A 37 -9.12 27.95 -8.64
N THR A 38 -8.02 27.18 -8.64
CA THR A 38 -7.44 26.70 -9.91
C THR A 38 -8.43 25.92 -10.79
N THR A 39 -9.46 25.29 -10.17
CA THR A 39 -10.45 24.53 -10.93
C THR A 39 -11.27 25.41 -11.86
N LYS A 40 -11.43 26.70 -11.50
CA LYS A 40 -12.20 27.65 -12.29
C LYS A 40 -11.65 27.80 -13.71
N THR A 41 -10.36 27.46 -13.93
CA THR A 41 -9.70 27.60 -15.24
C THR A 41 -10.29 26.68 -16.32
N TYR A 42 -10.95 25.60 -15.91
CA TYR A 42 -11.59 24.72 -16.88
C TYR A 42 -12.93 25.26 -17.37
N PHE A 43 -13.46 26.34 -16.75
CA PHE A 43 -14.78 26.90 -17.06
C PHE A 43 -14.66 28.39 -17.34
N PRO A 44 -13.81 28.79 -18.34
CA PRO A 44 -13.56 30.20 -18.56
C PRO A 44 -14.75 30.99 -19.00
N HIS A 45 -15.73 30.30 -19.55
CA HIS A 45 -16.87 31.03 -20.04
C HIS A 45 -18.10 30.85 -19.20
N PHE A 46 -17.93 30.33 -17.98
CA PHE A 46 -19.05 30.23 -17.06
C PHE A 46 -19.18 31.44 -16.17
N ASP A 47 -20.43 31.72 -15.75
CA ASP A 47 -20.69 32.65 -14.66
C ASP A 47 -20.54 31.73 -13.46
N LEU A 48 -19.52 32.02 -12.66
CA LEU A 48 -19.21 31.20 -11.50
C LEU A 48 -19.57 31.92 -10.21
N SER A 49 -20.46 32.94 -10.26
CA SER A 49 -20.87 33.68 -9.06
C SER A 49 -21.79 32.82 -8.21
N HIS A 50 -21.87 33.09 -6.89
CA HIS A 50 -22.76 32.32 -6.01
C HIS A 50 -24.19 32.40 -6.52
N GLY A 51 -24.82 31.25 -6.70
CA GLY A 51 -26.20 31.20 -7.22
C GLY A 51 -26.32 31.29 -8.73
N SER A 52 -25.19 31.28 -9.47
CA SER A 52 -25.23 31.29 -10.93
C SER A 52 -26.14 30.17 -11.42
N ALA A 53 -27.04 30.49 -12.35
CA ALA A 53 -27.93 29.51 -12.96
C ALA A 53 -27.14 28.51 -13.84
N GLN A 54 -26.03 28.97 -14.44
CA GLN A 54 -25.19 28.14 -15.28
C GLN A 54 -24.54 27.00 -14.44
N VAL A 55 -24.09 27.33 -13.23
CA VAL A 55 -23.55 26.37 -12.24
C VAL A 55 -24.66 25.38 -11.75
N LYS A 56 -25.90 25.85 -11.54
CA LYS A 56 -27.00 24.96 -11.14
C LYS A 56 -27.30 23.97 -12.25
N GLY A 57 -27.26 24.46 -13.50
CA GLY A 57 -27.45 23.63 -14.67
C GLY A 57 -26.39 22.55 -14.78
N HIS A 58 -25.12 22.95 -14.60
CA HIS A 58 -23.99 22.03 -14.65
C HIS A 58 -24.02 21.02 -13.49
N GLY A 59 -24.40 21.49 -12.30
CA GLY A 59 -24.53 20.65 -11.12
C GLY A 59 -25.54 19.55 -11.36
N LYS A 60 -26.60 19.87 -12.13
CA LYS A 60 -27.62 18.88 -12.47
C LYS A 60 -27.06 17.83 -13.41
N LYS A 61 -26.25 18.22 -14.40
CA LYS A 61 -25.65 17.25 -15.32
C LYS A 61 -24.68 16.35 -14.57
N VAL A 62 -23.85 16.92 -13.68
CA VAL A 62 -22.89 16.14 -12.91
C VAL A 62 -23.59 15.12 -12.03
N ALA A 63 -24.67 15.56 -11.34
CA ALA A 63 -25.50 14.69 -10.52
C ALA A 63 -26.15 13.59 -11.32
N ASP A 64 -26.70 13.89 -12.51
CA ASP A 64 -27.36 12.88 -13.35
C ASP A 64 -26.37 11.79 -13.73
N ALA A 65 -25.12 12.20 -14.07
CA ALA A 65 -24.10 11.24 -14.41
C ALA A 65 -23.83 10.33 -13.22
N LEU A 66 -23.73 10.89 -12.01
CA LEU A 66 -23.47 10.05 -10.82
C LEU A 66 -24.61 9.10 -10.52
N THR A 67 -25.85 9.58 -10.71
CA THR A 67 -27.03 8.77 -10.55
C THR A 67 -26.96 7.62 -11.48
N ASN A 68 -26.56 7.89 -12.72
CA ASN A 68 -26.45 6.84 -13.72
C ASN A 68 -25.39 5.81 -13.36
N ALA A 69 -24.27 6.29 -12.78
CA ALA A 69 -23.22 5.38 -12.36
C ALA A 69 -23.71 4.47 -11.23
N VAL A 70 -24.47 5.07 -10.27
CA VAL A 70 -25.02 4.33 -9.12
C VAL A 70 -25.97 3.25 -9.62
N ALA A 71 -26.78 3.58 -10.63
CA ALA A 71 -27.73 2.65 -11.23
C ALA A 71 -27.00 1.48 -11.96
N HIS A 72 -25.77 1.71 -12.41
CA HIS A 72 -24.98 0.75 -13.19
C HIS A 72 -23.64 0.50 -12.54
N VAL A 73 -23.55 0.37 -11.20
CA VAL A 73 -22.30 0.16 -10.47
C VAL A 73 -21.49 -1.01 -11.00
N ASP A 74 -22.12 -2.09 -11.43
CA ASP A 74 -21.43 -3.24 -11.98
C ASP A 74 -20.88 -3.00 -13.41
N ASP A 75 -21.33 -1.95 -14.10
CA ASP A 75 -20.90 -1.69 -15.47
C ASP A 75 -20.59 -0.20 -15.74
N MET A 76 -19.92 0.42 -14.76
CA MET A 76 -19.56 1.84 -14.72
C MET A 76 -18.75 2.31 -15.96
N PRO A 77 -17.67 1.61 -16.35
CA PRO A 77 -16.92 2.03 -17.55
C PRO A 77 -17.81 2.25 -18.76
N ASN A 78 -18.78 1.34 -18.95
CA ASN A 78 -19.68 1.39 -20.07
C ASN A 78 -20.64 2.52 -19.96
N ALA A 79 -21.27 2.63 -18.81
CA ALA A 79 -22.16 3.73 -18.53
C ALA A 79 -21.46 5.10 -18.68
N LEU A 80 -20.15 5.22 -18.36
CA LEU A 80 -19.42 6.48 -18.46
C LEU A 80 -18.49 6.65 -19.68
N SER A 81 -18.56 5.77 -20.68
CA SER A 81 -17.63 5.84 -21.81
C SER A 81 -17.57 7.18 -22.54
N ALA A 82 -18.73 7.80 -22.80
CA ALA A 82 -18.74 9.07 -23.51
C ALA A 82 -18.09 10.15 -22.67
N LEU A 83 -18.40 10.15 -21.36
CA LEU A 83 -17.83 11.12 -20.44
C LEU A 83 -16.33 10.95 -20.26
N SER A 84 -15.88 9.70 -20.33
CA SER A 84 -14.46 9.44 -20.12
C SER A 84 -13.64 9.98 -21.28
N ASP A 85 -14.14 9.82 -22.51
CA ASP A 85 -13.47 10.44 -23.65
C ASP A 85 -13.56 11.94 -23.53
N LEU A 86 -14.71 12.45 -23.11
CA LEU A 86 -14.86 13.90 -22.98
C LEU A 86 -13.81 14.51 -22.04
N HIS A 87 -13.72 13.99 -20.82
CA HIS A 87 -12.82 14.52 -19.82
C HIS A 87 -11.33 14.27 -20.12
N ALA A 88 -10.98 13.05 -20.50
CA ALA A 88 -9.58 12.73 -20.71
C ALA A 88 -8.98 13.29 -22.00
N HIS A 89 -9.69 13.12 -23.12
CA HIS A 89 -9.17 13.49 -24.42
C HIS A 89 -9.53 14.91 -24.82
N LYS A 90 -10.80 15.25 -24.85
CA LYS A 90 -11.20 16.54 -25.35
C LYS A 90 -10.87 17.71 -24.42
N LEU A 91 -11.24 17.59 -23.14
CA LEU A 91 -11.04 18.64 -22.14
C LEU A 91 -9.68 18.61 -21.49
N ARG A 92 -9.03 17.44 -21.47
CA ARG A 92 -7.76 17.14 -20.80
C ARG A 92 -7.72 17.58 -19.32
N VAL A 93 -8.74 17.20 -18.56
CA VAL A 93 -8.81 17.56 -17.15
C VAL A 93 -7.78 16.74 -16.37
N ASP A 94 -6.81 17.44 -15.74
CA ASP A 94 -5.83 16.72 -14.94
C ASP A 94 -6.47 15.91 -13.85
N PRO A 95 -6.02 14.65 -13.68
CA PRO A 95 -6.59 13.79 -12.63
C PRO A 95 -6.73 14.41 -11.25
N VAL A 96 -5.81 15.28 -10.78
CA VAL A 96 -5.94 15.93 -9.45
C VAL A 96 -7.34 16.52 -9.23
N ASN A 97 -7.88 17.20 -10.24
CA ASN A 97 -9.18 17.86 -10.12
C ASN A 97 -10.34 16.97 -9.70
N PHE A 98 -10.29 15.69 -10.10
CA PHE A 98 -11.34 14.76 -9.75
C PHE A 98 -11.34 14.45 -8.28
N LYS A 99 -10.14 14.48 -7.64
CA LYS A 99 -10.03 14.29 -6.20
C LYS A 99 -10.53 15.48 -5.43
N LEU A 100 -10.42 16.70 -6.03
CA LEU A 100 -10.97 17.94 -5.48
C LEU A 100 -12.47 17.92 -5.50
N LEU A 101 -13.06 17.55 -6.63
CA LEU A 101 -14.51 17.48 -6.72
C LEU A 101 -15.07 16.37 -5.84
N SER A 102 -14.37 15.22 -5.77
CA SER A 102 -14.77 14.08 -4.92
C SER A 102 -14.81 14.48 -3.47
N HIS A 103 -13.79 15.18 -3.00
CA HIS A 103 -13.76 15.70 -1.63
C HIS A 103 -14.96 16.62 -1.39
N CYS A 104 -15.22 17.56 -2.32
CA CYS A 104 -16.33 18.50 -2.16
C CYS A 104 -17.68 17.87 -2.18
N LEU A 105 -17.86 16.79 -2.94
CA LEU A 105 -19.11 16.06 -2.92
C LEU A 105 -19.31 15.36 -1.57
N LEU A 106 -18.25 14.73 -1.03
CA LEU A 106 -18.31 14.10 0.28
C LEU A 106 -18.66 15.10 1.34
N VAL A 107 -18.06 16.32 1.28
CA VAL A 107 -18.36 17.37 2.25
C VAL A 107 -19.84 17.74 2.20
N THR A 108 -20.38 17.87 0.97
CA THR A 108 -21.78 18.22 0.69
C THR A 108 -22.72 17.18 1.27
N LEU A 109 -22.43 15.91 1.02
CA LEU A 109 -23.22 14.80 1.55
C LEU A 109 -23.18 14.75 3.08
N ALA A 110 -22.02 14.96 3.67
CA ALA A 110 -21.89 14.97 5.13
C ALA A 110 -22.71 16.08 5.81
N ALA A 111 -22.73 17.24 5.15
CA ALA A 111 -23.44 18.37 5.65
C ALA A 111 -24.94 18.18 5.46
N HIS A 112 -25.37 17.54 4.38
CA HIS A 112 -26.78 17.40 4.10
C HIS A 112 -27.43 16.11 4.59
N LEU A 113 -26.70 14.99 4.69
CA LEU A 113 -27.24 13.70 5.16
C LEU A 113 -26.43 13.18 6.36
N PRO A 114 -26.40 13.94 7.46
CA PRO A 114 -25.62 13.52 8.62
C PRO A 114 -26.01 12.16 9.17
N ALA A 115 -27.31 11.86 9.20
CA ALA A 115 -27.78 10.55 9.66
C ALA A 115 -27.15 9.38 8.88
N GLU A 116 -27.02 9.55 7.56
CA GLU A 116 -26.49 8.53 6.67
C GLU A 116 -24.98 8.46 6.57
N PHE A 117 -24.29 9.56 6.87
CA PHE A 117 -22.85 9.64 6.68
C PHE A 117 -22.07 9.02 7.83
N THR A 118 -22.28 7.73 8.03
CA THR A 118 -21.51 6.95 9.01
C THR A 118 -20.10 6.67 8.45
N PRO A 119 -19.16 6.20 9.28
CA PRO A 119 -17.80 5.88 8.79
C PRO A 119 -17.76 4.88 7.64
N ALA A 120 -18.59 3.82 7.74
CA ALA A 120 -18.69 2.79 6.70
C ALA A 120 -19.26 3.36 5.42
N VAL A 121 -20.25 4.28 5.52
CA VAL A 121 -20.84 4.87 4.34
C VAL A 121 -19.87 5.85 3.69
N HIS A 122 -19.10 6.53 4.52
CA HIS A 122 -18.09 7.46 4.08
C HIS A 122 -17.02 6.68 3.29
N ALA A 123 -16.61 5.51 3.81
CA ALA A 123 -15.63 4.67 3.15
C ALA A 123 -16.17 4.19 1.81
N SER A 124 -17.42 3.73 1.77
CA SER A 124 -18.08 3.25 0.54
C SER A 124 -18.22 4.34 -0.54
N LEU A 125 -18.65 5.56 -0.14
CA LEU A 125 -18.81 6.66 -1.08
C LEU A 125 -17.47 7.13 -1.62
N ASP A 126 -16.42 7.18 -0.77
CA ASP A 126 -15.07 7.58 -1.20
C ASP A 126 -14.57 6.61 -2.24
N LYS A 127 -14.79 5.34 -2.01
CA LYS A 127 -14.46 4.27 -2.95
C LYS A 127 -15.27 4.37 -4.24
N PHE A 128 -16.57 4.72 -4.14
CA PHE A 128 -17.43 4.90 -5.33
C PHE A 128 -16.91 6.08 -6.18
N LEU A 129 -16.65 7.22 -5.55
CA LEU A 129 -16.18 8.39 -6.27
C LEU A 129 -14.78 8.21 -6.83
N ALA A 130 -13.98 7.36 -6.16
CA ALA A 130 -12.65 7.00 -6.64
C ALA A 130 -12.78 6.13 -7.88
N SER A 131 -13.81 5.27 -7.95
CA SER A 131 -14.05 4.46 -9.16
C SER A 131 -14.49 5.36 -10.29
N VAL A 132 -15.39 6.35 -10.02
CA VAL A 132 -15.84 7.27 -11.06
C VAL A 132 -14.65 8.08 -11.58
N SER A 133 -13.84 8.62 -10.67
CA SER A 133 -12.67 9.45 -10.98
C SER A 133 -11.68 8.71 -11.79
N THR A 134 -11.50 7.42 -11.51
CA THR A 134 -10.53 6.61 -12.25
C THR A 134 -11.02 6.34 -13.64
N VAL A 135 -12.30 5.91 -13.78
CA VAL A 135 -12.91 5.69 -15.09
C VAL A 135 -12.76 6.93 -15.96
N LEU A 136 -12.98 8.13 -15.40
CA LEU A 136 -12.93 9.39 -16.15
C LEU A 136 -11.52 9.86 -16.49
N THR A 137 -10.51 9.25 -15.88
CA THR A 137 -9.11 9.65 -16.10
C THR A 137 -8.24 8.58 -16.71
N SER A 138 -8.72 7.34 -16.85
CA SER A 138 -7.87 6.25 -17.30
C SER A 138 -7.37 6.46 -18.69
N LYS A 139 -8.05 7.29 -19.50
CA LYS A 139 -7.67 7.58 -20.90
C LYS A 139 -6.78 8.83 -21.05
N TYR A 140 -6.57 9.57 -19.93
CA TYR A 140 -5.75 10.78 -19.90
C TYR A 140 -4.30 10.46 -20.28
N ARG A 141 -3.72 11.25 -21.22
CA ARG A 141 -2.32 11.05 -21.66
C ARG A 141 -1.65 12.38 -22.18
N HIS B 1 -3.01 32.09 3.73
CA HIS B 1 -3.22 33.21 4.64
C HIS B 1 -4.69 33.52 4.84
N LEU B 2 -5.09 33.77 6.09
CA LEU B 2 -6.48 34.00 6.42
C LEU B 2 -6.79 35.43 6.53
N THR B 3 -7.82 35.88 5.81
CA THR B 3 -8.30 37.23 6.01
C THR B 3 -8.61 37.23 7.52
N PRO B 4 -8.80 38.40 8.14
CA PRO B 4 -9.16 38.40 9.56
C PRO B 4 -10.60 37.89 9.69
N GLU B 5 -11.41 38.12 8.64
CA GLU B 5 -12.79 37.65 8.55
C GLU B 5 -12.84 36.13 8.58
N GLU B 6 -11.93 35.46 7.84
CA GLU B 6 -11.84 34.00 7.80
C GLU B 6 -11.37 33.44 9.15
N LYS B 7 -10.27 34.02 9.70
CA LYS B 7 -9.76 33.68 11.06
C LYS B 7 -10.95 33.71 12.05
N SER B 8 -11.82 34.68 11.86
CA SER B 8 -12.98 34.90 12.69
C SER B 8 -14.02 33.77 12.55
N ALA B 9 -14.36 33.39 11.31
CA ALA B 9 -15.34 32.34 11.03
C ALA B 9 -14.85 31.00 11.53
N VAL B 10 -13.54 30.74 11.37
CA VAL B 10 -12.86 29.54 11.83
C VAL B 10 -12.91 29.37 13.36
N THR B 11 -12.37 30.37 14.11
CA THR B 11 -12.35 30.30 15.58
C THR B 11 -13.77 30.29 16.12
N ALA B 12 -14.70 31.03 15.46
CA ALA B 12 -16.13 31.02 15.81
C ALA B 12 -16.69 29.59 15.76
N LEU B 13 -16.38 28.85 14.69
CA LEU B 13 -16.82 27.47 14.55
C LEU B 13 -16.12 26.57 15.55
N TRP B 14 -14.79 26.66 15.64
CA TRP B 14 -13.97 25.80 16.50
C TRP B 14 -14.41 25.83 17.94
N GLY B 15 -14.80 27.02 18.40
CA GLY B 15 -15.31 27.26 19.75
C GLY B 15 -16.49 26.37 20.07
N LYS B 16 -17.22 25.95 19.05
CA LYS B 16 -18.35 25.07 19.26
C LYS B 16 -18.05 23.57 19.14
N VAL B 17 -16.80 23.15 18.77
CA VAL B 17 -16.47 21.73 18.56
C VAL B 17 -16.35 20.96 19.84
N ASN B 18 -16.90 19.75 19.86
CA ASN B 18 -16.73 18.90 21.04
C ASN B 18 -15.30 18.34 21.03
N VAL B 19 -14.40 19.08 21.66
CA VAL B 19 -12.98 18.78 21.81
C VAL B 19 -12.69 17.31 22.22
N ASP B 20 -13.62 16.68 22.94
CA ASP B 20 -13.44 15.31 23.41
C ASP B 20 -13.87 14.24 22.41
N GLU B 21 -14.47 14.64 21.29
CA GLU B 21 -15.05 13.69 20.36
C GLU B 21 -14.62 13.80 18.89
N VAL B 22 -14.49 15.03 18.34
CA VAL B 22 -14.24 15.15 16.90
C VAL B 22 -12.81 14.66 16.54
N GLY B 23 -11.87 14.68 17.48
CA GLY B 23 -10.51 14.18 17.26
C GLY B 23 -10.50 12.69 16.99
N GLY B 24 -11.18 11.96 17.86
CA GLY B 24 -11.33 10.52 17.74
C GLY B 24 -12.15 10.14 16.51
N GLU B 25 -13.14 10.96 16.16
CA GLU B 25 -13.96 10.68 14.99
C GLU B 25 -13.19 10.92 13.68
N ALA B 26 -12.34 11.96 13.59
CA ALA B 26 -11.52 12.21 12.40
C ALA B 26 -10.44 11.14 12.27
N LEU B 27 -9.76 10.76 13.38
CA LEU B 27 -8.71 9.74 13.33
C LEU B 27 -9.33 8.39 12.98
N GLY B 28 -10.44 8.10 13.65
CA GLY B 28 -11.23 6.91 13.45
C GLY B 28 -11.61 6.73 12.01
N ARG B 29 -12.14 7.80 11.36
CA ARG B 29 -12.50 7.79 9.95
C ARG B 29 -11.29 7.66 9.01
N LEU B 30 -10.15 8.33 9.32
CA LEU B 30 -8.95 8.17 8.50
C LEU B 30 -8.59 6.66 8.43
N LEU B 31 -8.61 5.96 9.57
CA LEU B 31 -8.27 4.54 9.66
C LEU B 31 -9.22 3.64 8.94
N VAL B 32 -10.50 4.02 8.86
CA VAL B 32 -11.54 3.23 8.17
C VAL B 32 -11.48 3.49 6.64
N VAL B 33 -11.49 4.78 6.25
CA VAL B 33 -11.48 5.21 4.85
C VAL B 33 -10.14 4.91 4.12
N TYR B 34 -8.98 5.08 4.80
CA TYR B 34 -7.64 4.91 4.19
C TYR B 34 -6.87 3.98 5.09
N PRO B 35 -7.20 2.69 4.95
CA PRO B 35 -6.72 1.67 5.88
C PRO B 35 -5.22 1.51 6.02
N TRP B 36 -4.44 1.91 5.04
CA TRP B 36 -3.00 1.82 5.09
C TRP B 36 -2.44 2.68 6.20
N THR B 37 -3.22 3.63 6.72
CA THR B 37 -2.76 4.45 7.81
C THR B 37 -2.67 3.68 9.07
N GLN B 38 -3.39 2.55 9.21
CA GLN B 38 -3.38 1.70 10.41
C GLN B 38 -2.00 1.21 10.76
N ARG B 39 -1.09 1.06 9.79
CA ARG B 39 0.21 0.53 10.14
C ARG B 39 0.98 1.39 11.14
N PHE B 40 0.59 2.67 11.32
CA PHE B 40 1.22 3.56 12.30
C PHE B 40 0.57 3.39 13.67
N PHE B 41 -0.61 2.78 13.68
CA PHE B 41 -1.46 2.65 14.85
C PHE B 41 -1.95 1.24 15.20
N GLU B 42 -1.29 0.19 14.71
CA GLU B 42 -1.67 -1.17 15.05
C GLU B 42 -1.54 -1.41 16.57
N SER B 43 -0.74 -0.58 17.29
CA SER B 43 -0.54 -0.58 18.74
C SER B 43 -1.85 -0.21 19.48
N PHE B 44 -2.88 0.25 18.78
CA PHE B 44 -4.14 0.65 19.41
C PHE B 44 -5.06 -0.53 19.67
N GLY B 45 -4.61 -1.73 19.35
CA GLY B 45 -5.41 -2.92 19.56
C GLY B 45 -6.40 -3.17 18.43
N ASP B 46 -7.65 -3.56 18.80
CA ASP B 46 -8.74 -3.92 17.90
C ASP B 46 -9.22 -2.81 16.93
N LEU B 47 -8.87 -2.95 15.63
CA LEU B 47 -9.24 -2.05 14.54
C LEU B 47 -9.91 -2.87 13.42
N SER B 48 -10.37 -4.06 13.75
CA SER B 48 -10.85 -5.03 12.77
C SER B 48 -12.13 -4.64 12.03
N THR B 49 -12.97 -3.80 12.64
CA THR B 49 -14.21 -3.38 12.03
C THR B 49 -14.41 -1.88 12.31
N PRO B 50 -15.24 -1.18 11.51
CA PRO B 50 -15.46 0.26 11.76
C PRO B 50 -15.97 0.59 13.17
N ASP B 51 -16.86 -0.25 13.71
CA ASP B 51 -17.32 -0.07 15.10
C ASP B 51 -16.17 -0.27 16.07
N ALA B 52 -15.34 -1.32 15.87
CA ALA B 52 -14.16 -1.53 16.70
C ALA B 52 -13.29 -0.26 16.61
N VAL B 53 -13.10 0.29 15.40
CA VAL B 53 -12.28 1.48 15.26
C VAL B 53 -12.88 2.65 16.00
N MET B 54 -14.14 2.96 15.73
CA MET B 54 -14.82 4.15 16.26
C MET B 54 -15.03 4.13 17.78
N GLY B 55 -15.15 2.92 18.34
CA GLY B 55 -15.36 2.73 19.76
C GLY B 55 -14.11 2.44 20.57
N ASN B 56 -12.96 2.33 19.93
CA ASN B 56 -11.67 2.03 20.56
C ASN B 56 -11.20 3.21 21.46
N PRO B 57 -10.93 2.98 22.75
CA PRO B 57 -10.50 4.08 23.61
C PRO B 57 -9.19 4.75 23.21
N LYS B 58 -8.24 3.96 22.69
CA LYS B 58 -6.95 4.49 22.26
C LYS B 58 -7.08 5.38 21.05
N VAL B 59 -8.07 5.12 20.20
CA VAL B 59 -8.30 5.98 19.04
C VAL B 59 -8.82 7.32 19.52
N LYS B 60 -9.78 7.26 20.48
CA LYS B 60 -10.41 8.42 21.09
C LYS B 60 -9.34 9.29 21.74
N ALA B 61 -8.51 8.65 22.57
CA ALA B 61 -7.45 9.35 23.32
C ALA B 61 -6.45 9.96 22.42
N HIS B 62 -5.99 9.21 21.43
CA HIS B 62 -4.99 9.77 20.53
C HIS B 62 -5.60 10.93 19.71
N GLY B 63 -6.86 10.75 19.33
CA GLY B 63 -7.63 11.76 18.62
C GLY B 63 -7.60 13.09 19.35
N LYS B 64 -7.83 13.05 20.68
CA LYS B 64 -7.77 14.26 21.48
C LYS B 64 -6.44 14.98 21.28
N LYS B 65 -5.32 14.23 21.27
CA LYS B 65 -4.00 14.84 21.09
C LYS B 65 -3.83 15.54 19.75
N VAL B 66 -4.34 14.91 18.68
CA VAL B 66 -4.26 15.46 17.32
C VAL B 66 -5.06 16.73 17.26
N LEU B 67 -6.29 16.69 17.77
CA LEU B 67 -7.17 17.86 17.80
C LEU B 67 -6.58 19.02 18.56
N GLY B 68 -5.90 18.71 19.66
CA GLY B 68 -5.18 19.64 20.52
C GLY B 68 -4.11 20.38 19.77
N ALA B 69 -3.37 19.66 18.89
CA ALA B 69 -2.37 20.28 18.04
C ALA B 69 -3.02 21.21 17.00
N PHE B 70 -4.20 20.82 16.45
CA PHE B 70 -4.95 21.69 15.53
C PHE B 70 -5.37 22.92 16.29
N SER B 71 -5.82 22.76 17.55
CA SER B 71 -6.17 23.93 18.35
C SER B 71 -4.96 24.85 18.49
N ASP B 72 -3.76 24.31 18.76
CA ASP B 72 -2.55 25.14 18.81
C ASP B 72 -2.28 25.86 17.50
N GLY B 73 -2.46 25.17 16.37
CA GLY B 73 -2.30 25.77 15.06
C GLY B 73 -3.24 26.94 14.87
N LEU B 74 -4.48 26.81 15.34
CA LEU B 74 -5.44 27.91 15.23
C LEU B 74 -4.97 29.16 16.00
N ALA B 75 -4.35 28.98 17.17
CA ALA B 75 -3.81 30.09 17.94
C ALA B 75 -2.60 30.75 17.28
N HIS B 76 -2.04 30.16 16.19
CA HIS B 76 -0.79 30.66 15.59
C HIS B 76 -0.76 30.60 14.08
N LEU B 77 -1.87 30.92 13.43
CA LEU B 77 -2.00 30.86 11.98
C LEU B 77 -0.94 31.56 11.19
N ASP B 78 -0.33 32.52 11.83
CA ASP B 78 0.70 33.32 11.22
C ASP B 78 2.05 32.61 11.23
N ASN B 79 2.24 31.62 12.10
CA ASN B 79 3.52 30.93 12.18
C ASN B 79 3.38 29.41 12.37
N LEU B 80 2.67 28.77 11.46
CA LEU B 80 2.40 27.34 11.57
C LEU B 80 3.67 26.52 11.53
N LYS B 81 4.62 26.94 10.69
CA LYS B 81 5.96 26.37 10.53
C LYS B 81 6.68 26.21 11.87
N GLY B 82 6.88 27.32 12.58
CA GLY B 82 7.51 27.33 13.90
C GLY B 82 6.71 26.52 14.89
N THR B 83 5.39 26.69 14.90
CA THR B 83 4.52 25.96 15.82
C THR B 83 4.65 24.44 15.70
N PHE B 84 4.77 23.94 14.46
CA PHE B 84 4.76 22.52 14.14
C PHE B 84 6.14 21.94 13.88
N ALA B 85 7.22 22.71 14.11
CA ALA B 85 8.58 22.26 13.82
C ALA B 85 8.98 20.99 14.58
N THR B 86 8.62 20.88 15.86
CA THR B 86 8.92 19.70 16.69
C THR B 86 8.13 18.51 16.18
N LEU B 87 6.83 18.71 15.92
CA LEU B 87 5.96 17.66 15.40
C LEU B 87 6.38 17.21 14.01
N SER B 88 6.82 18.16 13.15
CA SER B 88 7.29 17.84 11.81
C SER B 88 8.50 16.98 11.92
N GLU B 89 9.36 17.25 12.91
CA GLU B 89 10.59 16.49 13.14
C GLU B 89 10.28 15.08 13.55
N LEU B 90 9.24 14.87 14.36
CA LEU B 90 8.80 13.56 14.74
C LEU B 90 8.23 12.80 13.51
N HIS B 91 7.19 13.37 12.86
CA HIS B 91 6.49 12.71 11.75
C HIS B 91 7.39 12.49 10.54
N CYS B 92 8.20 13.51 10.20
CA CYS B 92 9.14 13.47 9.09
C CYS B 92 10.31 12.56 9.42
N ASP B 93 11.17 13.00 10.33
CA ASP B 93 12.47 12.37 10.56
C ASP B 93 12.44 11.08 11.30
N LYS B 94 11.57 10.94 12.29
CA LYS B 94 11.51 9.70 13.03
C LYS B 94 10.55 8.71 12.44
N LEU B 95 9.35 9.15 12.10
CA LEU B 95 8.29 8.25 11.65
C LEU B 95 8.26 7.96 10.16
N HIS B 96 8.79 8.88 9.32
CA HIS B 96 8.75 8.75 7.86
C HIS B 96 7.33 8.59 7.35
N VAL B 97 6.44 9.45 7.84
CA VAL B 97 5.03 9.43 7.44
C VAL B 97 4.95 10.16 6.11
N ASP B 98 4.33 9.53 5.09
CA ASP B 98 4.19 10.15 3.76
C ASP B 98 3.37 11.38 3.97
N PRO B 99 3.86 12.54 3.52
CA PRO B 99 3.11 13.77 3.77
C PRO B 99 1.73 13.85 3.17
N GLU B 100 1.40 12.99 2.21
CA GLU B 100 0.04 12.95 1.67
C GLU B 100 -0.99 12.59 2.68
N ASN B 101 -0.64 11.80 3.73
CA ASN B 101 -1.57 11.40 4.79
C ASN B 101 -2.02 12.54 5.69
N PHE B 102 -1.21 13.61 5.79
CA PHE B 102 -1.58 14.79 6.58
C PHE B 102 -2.74 15.47 5.90
N ARG B 103 -2.72 15.52 4.56
CA ARG B 103 -3.76 16.13 3.76
C ARG B 103 -5.02 15.28 3.84
N LEU B 104 -4.87 13.96 3.88
CA LEU B 104 -6.03 13.06 3.99
C LEU B 104 -6.73 13.24 5.33
N LEU B 105 -5.98 13.37 6.44
CA LEU B 105 -6.51 13.60 7.80
C LEU B 105 -7.19 14.94 7.90
N GLY B 106 -6.57 15.93 7.31
CA GLY B 106 -7.13 17.26 7.26
C GLY B 106 -8.47 17.25 6.55
N ASN B 107 -8.54 16.53 5.43
CA ASN B 107 -9.75 16.45 4.64
C ASN B 107 -10.84 15.67 5.32
N VAL B 108 -10.47 14.61 6.02
CA VAL B 108 -11.39 13.85 6.83
C VAL B 108 -11.91 14.75 7.95
N LEU B 109 -11.05 15.62 8.53
CA LEU B 109 -11.49 16.52 9.58
C LEU B 109 -12.54 17.50 9.05
N VAL B 110 -12.30 18.05 7.85
CA VAL B 110 -13.26 18.94 7.20
C VAL B 110 -14.61 18.21 7.05
N CYS B 111 -14.59 16.95 6.60
CA CYS B 111 -15.80 16.14 6.46
C CYS B 111 -16.52 16.01 7.82
N VAL B 112 -15.77 15.78 8.90
CA VAL B 112 -16.32 15.63 10.25
C VAL B 112 -16.98 16.95 10.69
N LEU B 113 -16.32 18.06 10.44
CA LEU B 113 -16.89 19.36 10.76
C LEU B 113 -18.18 19.57 9.99
N ALA B 114 -18.17 19.20 8.70
CA ALA B 114 -19.37 19.35 7.89
C ALA B 114 -20.46 18.48 8.48
N HIS B 115 -20.10 17.29 8.90
CA HIS B 115 -21.03 16.32 9.45
C HIS B 115 -21.76 16.82 10.71
N HIS B 116 -21.02 17.47 11.58
CA HIS B 116 -21.51 17.99 12.82
C HIS B 116 -22.19 19.35 12.70
N PHE B 117 -21.78 20.19 11.75
CA PHE B 117 -22.33 21.55 11.66
C PHE B 117 -23.37 21.80 10.57
N GLY B 118 -23.51 20.86 9.65
CA GLY B 118 -24.49 20.97 8.58
C GLY B 118 -24.34 22.25 7.80
N LYS B 119 -25.46 22.91 7.56
CA LYS B 119 -25.63 24.18 6.86
C LYS B 119 -24.64 25.25 7.26
N GLU B 120 -24.34 25.36 8.59
CA GLU B 120 -23.39 26.33 9.15
C GLU B 120 -22.03 26.12 8.53
N PHE B 121 -21.73 24.88 8.08
CA PHE B 121 -20.45 24.62 7.43
C PHE B 121 -20.60 25.04 5.98
N THR B 122 -20.79 26.35 5.76
CA THR B 122 -21.02 26.93 4.44
C THR B 122 -19.79 26.80 3.52
N PRO B 123 -19.95 26.98 2.18
CA PRO B 123 -18.79 26.95 1.30
C PRO B 123 -17.66 27.91 1.72
N PRO B 124 -17.95 29.17 2.14
CA PRO B 124 -16.85 30.05 2.54
C PRO B 124 -16.17 29.59 3.81
N VAL B 125 -16.91 29.00 4.76
CA VAL B 125 -16.24 28.52 5.97
C VAL B 125 -15.39 27.30 5.60
N GLN B 126 -15.85 26.46 4.65
CA GLN B 126 -15.05 25.33 4.22
C GLN B 126 -13.74 25.81 3.62
N ALA B 127 -13.84 26.79 2.69
CA ALA B 127 -12.67 27.34 2.02
C ALA B 127 -11.66 27.84 3.02
N ALA B 128 -12.10 28.45 4.15
CA ALA B 128 -11.16 28.93 5.16
C ALA B 128 -10.50 27.75 5.86
N TYR B 129 -11.29 26.71 6.19
CA TYR B 129 -10.76 25.51 6.82
C TYR B 129 -9.83 24.77 5.90
N GLN B 130 -10.07 24.81 4.57
CA GLN B 130 -9.14 24.18 3.63
C GLN B 130 -7.77 24.88 3.72
N LYS B 131 -7.74 26.20 3.91
CA LYS B 131 -6.46 26.89 4.04
C LYS B 131 -5.74 26.39 5.31
N VAL B 132 -6.49 26.20 6.39
CA VAL B 132 -5.94 25.73 7.65
C VAL B 132 -5.40 24.33 7.51
N VAL B 133 -6.16 23.42 6.90
CA VAL B 133 -5.66 22.06 6.81
C VAL B 133 -4.43 21.96 5.92
N ALA B 134 -4.36 22.74 4.83
CA ALA B 134 -3.21 22.76 3.94
C ALA B 134 -1.99 23.33 4.69
N GLY B 135 -2.23 24.38 5.44
CA GLY B 135 -1.22 25.05 6.22
C GLY B 135 -0.69 24.10 7.26
N VAL B 136 -1.59 23.36 7.94
CA VAL B 136 -1.13 22.40 8.94
C VAL B 136 -0.34 21.23 8.30
N ALA B 137 -0.82 20.71 7.15
CA ALA B 137 -0.14 19.67 6.42
C ALA B 137 1.24 20.12 5.93
N ASN B 138 1.38 21.34 5.37
CA ASN B 138 2.68 21.83 4.88
C ASN B 138 3.69 22.00 5.98
N ALA B 139 3.21 22.46 7.13
CA ALA B 139 4.04 22.70 8.30
C ALA B 139 4.50 21.37 8.87
N LEU B 140 3.61 20.36 8.89
CA LEU B 140 4.00 19.03 9.33
C LEU B 140 4.98 18.36 8.34
N ALA B 141 4.99 18.76 7.06
CA ALA B 141 5.90 18.21 6.07
C ALA B 141 7.23 18.94 6.08
N VAL C 1 27.77 -4.16 -7.48
CA VAL C 1 27.72 -4.01 -8.94
C VAL C 1 26.21 -3.92 -9.37
N CYS C 2 25.36 -4.89 -8.94
CA CYS C 2 23.90 -4.83 -9.17
C CYS C 2 23.13 -5.54 -8.09
N GLY C 3 21.94 -5.02 -7.81
CA GLY C 3 20.99 -5.64 -6.87
C GLY C 3 21.39 -5.80 -5.41
N LYS C 4 22.31 -4.93 -4.92
CA LYS C 4 22.76 -4.92 -3.52
C LYS C 4 22.49 -3.56 -2.91
N PRO C 5 21.23 -3.25 -2.61
CA PRO C 5 20.94 -1.93 -2.08
C PRO C 5 21.45 -1.74 -0.66
N LYS C 6 21.95 -0.54 -0.37
CA LYS C 6 22.38 -0.19 0.98
C LYS C 6 21.12 0.04 1.82
N GLY C 24 17.69 5.33 -1.37
CA GLY C 24 18.62 4.38 -0.76
C GLY C 24 18.20 2.93 -0.87
N SER C 25 16.85 2.67 -0.81
CA SER C 25 16.21 1.36 -0.88
C SER C 25 15.92 0.88 -2.29
N PHE C 26 15.73 1.83 -3.24
CA PHE C 26 15.46 1.53 -4.64
C PHE C 26 16.39 2.31 -5.51
N PRO C 27 17.73 2.05 -5.43
CA PRO C 27 18.67 2.86 -6.19
C PRO C 27 18.60 2.64 -7.70
N TRP C 28 17.87 1.64 -8.13
CA TRP C 28 17.66 1.37 -9.55
C TRP C 28 16.52 2.21 -10.11
N GLN C 29 15.77 2.90 -9.26
CA GLN C 29 14.61 3.66 -9.75
C GLN C 29 14.96 4.93 -10.42
N ALA C 30 14.44 5.20 -11.61
CA ALA C 30 14.59 6.49 -12.28
C ALA C 30 13.23 7.20 -12.50
N LYS C 31 13.29 8.49 -12.76
CA LYS C 31 12.11 9.31 -13.02
C LYS C 31 12.23 9.94 -14.33
N MET C 32 11.28 9.64 -15.18
CA MET C 32 11.17 10.19 -16.51
C MET C 32 10.07 11.25 -16.56
N VAL C 33 10.35 12.33 -17.26
CA VAL C 33 9.40 13.42 -17.40
C VAL C 33 9.31 13.65 -18.90
N SER C 34 8.07 13.64 -19.37
CA SER C 34 7.67 13.90 -20.75
C SER C 34 7.75 15.40 -21.08
N HIS C 35 7.72 15.73 -22.37
CA HIS C 35 7.77 17.12 -22.77
C HIS C 35 6.57 17.92 -22.24
N HIS C 36 5.42 17.26 -21.91
CA HIS C 36 4.28 17.96 -21.35
C HIS C 36 4.13 17.73 -19.83
N ASN C 37 5.25 17.49 -19.15
CA ASN C 37 5.44 17.38 -17.69
C ASN C 37 4.62 16.25 -17.03
N LEU C 38 4.55 15.10 -17.69
CA LEU C 38 3.96 13.92 -17.07
C LEU C 38 5.07 13.01 -16.60
N THR C 39 5.01 12.71 -15.33
CA THR C 39 5.99 11.88 -14.69
C THR C 39 5.70 10.40 -14.92
N THR C 40 6.73 9.64 -15.27
CA THR C 40 6.68 8.19 -15.38
C THR C 40 7.96 7.54 -14.79
N GLY C 41 7.99 6.22 -14.77
CA GLY C 41 9.14 5.50 -14.27
C GLY C 41 10.01 4.87 -15.34
N ALA C 42 11.25 4.61 -14.93
CA ALA C 42 12.21 3.79 -15.66
C ALA C 42 13.05 3.11 -14.64
N THR C 43 13.71 2.03 -15.04
CA THR C 43 14.48 1.15 -14.17
C THR C 43 15.93 0.97 -14.68
N LEU C 44 16.91 1.28 -13.85
CA LEU C 44 18.33 1.13 -14.23
C LEU C 44 18.74 -0.34 -14.19
N ILE C 45 19.19 -0.88 -15.33
CA ILE C 45 19.55 -2.32 -15.45
C ILE C 45 21.06 -2.58 -15.64
N ASN C 46 21.79 -1.53 -15.98
CA ASN C 46 23.24 -1.51 -15.93
C ASN C 46 23.68 -0.08 -15.80
N GLU C 47 24.96 0.17 -15.84
CA GLU C 47 25.46 1.52 -15.61
C GLU C 47 25.04 2.58 -16.70
N GLN C 48 24.53 2.13 -17.85
CA GLN C 48 24.20 3.05 -18.95
C GLN C 48 22.85 2.82 -19.64
N TRP C 49 22.03 1.89 -19.13
CA TRP C 49 20.80 1.55 -19.80
C TRP C 49 19.72 1.36 -18.79
N LEU C 50 18.52 1.78 -19.19
CA LEU C 50 17.32 1.68 -18.40
C LEU C 50 16.23 1.04 -19.20
N LEU C 51 15.36 0.30 -18.51
CA LEU C 51 14.13 -0.21 -19.10
C LEU C 51 12.97 0.71 -18.72
N THR C 52 12.01 0.85 -19.61
CA THR C 52 10.77 1.59 -19.39
C THR C 52 9.72 0.99 -20.33
N THR C 53 8.56 1.60 -20.45
CA THR C 53 7.56 1.05 -21.35
C THR C 53 7.47 1.86 -22.61
N ALA C 54 6.91 1.24 -23.66
CA ALA C 54 6.70 1.89 -24.93
C ALA C 54 5.61 2.96 -24.74
N LYS C 55 4.58 2.69 -23.87
CA LYS C 55 3.55 3.68 -23.63
C LYS C 55 4.12 4.93 -22.99
N ASN C 56 5.05 4.75 -22.08
CA ASN C 56 5.70 5.89 -21.42
C ASN C 56 6.41 6.74 -22.44
N LEU C 57 7.17 6.09 -23.32
CA LEU C 57 7.95 6.74 -24.34
C LEU C 57 7.11 7.55 -25.31
N PHE C 58 5.91 7.05 -25.62
CA PHE C 58 5.02 7.70 -26.57
C PHE C 58 4.17 8.87 -25.98
N LEU C 59 4.23 9.13 -24.67
CA LEU C 59 3.47 10.24 -24.11
C LEU C 59 3.83 11.55 -24.80
N ASN C 60 2.81 12.29 -25.25
CA ASN C 60 2.94 13.58 -25.94
C ASN C 60 3.56 13.40 -27.33
N HIS C 61 3.44 12.20 -27.92
CA HIS C 61 3.88 11.92 -29.28
C HIS C 61 2.80 11.24 -30.07
N SER C 62 2.90 11.46 -31.36
CA SER C 62 2.08 10.86 -32.38
C SER C 62 2.41 9.37 -32.38
N GLU C 63 1.39 8.54 -32.67
CA GLU C 63 1.57 7.10 -32.78
C GLU C 63 2.54 6.74 -33.92
N ASN C 64 2.87 7.72 -34.83
CA ASN C 64 3.86 7.56 -35.88
C ASN C 64 5.29 8.07 -35.52
N ALA C 65 5.55 8.46 -34.24
CA ALA C 65 6.90 8.90 -33.90
C ALA C 65 7.85 7.72 -33.86
N THR C 66 9.12 8.00 -34.14
CA THR C 66 10.23 7.04 -34.13
C THR C 66 11.04 7.29 -32.86
N ALA C 67 11.99 6.38 -32.55
CA ALA C 67 12.86 6.53 -31.39
C ALA C 67 13.63 7.85 -31.47
N LYS C 68 13.96 8.29 -32.71
CA LYS C 68 14.71 9.52 -32.92
C LYS C 68 13.92 10.74 -32.60
N ASP C 69 12.63 10.73 -32.89
CA ASP C 69 11.74 11.82 -32.52
C ASP C 69 11.57 11.92 -30.99
N ILE C 70 11.52 10.77 -30.31
CA ILE C 70 11.18 10.73 -28.87
C ILE C 70 12.33 11.17 -27.98
N ALA C 71 13.47 10.56 -28.21
CA ALA C 71 14.67 10.67 -27.39
C ALA C 71 15.04 12.10 -26.93
N PRO C 72 15.12 13.10 -27.84
CA PRO C 72 15.52 14.45 -27.41
C PRO C 72 14.45 15.21 -26.65
N THR C 73 13.23 14.61 -26.48
CA THR C 73 12.12 15.27 -25.80
C THR C 73 11.94 14.80 -24.38
N LEU C 74 12.77 13.85 -23.93
CA LEU C 74 12.64 13.30 -22.59
C LEU C 74 13.61 13.92 -21.59
N THR C 75 13.20 13.96 -20.32
CA THR C 75 14.06 14.36 -19.21
C THR C 75 14.08 13.19 -18.26
N LEU C 76 15.26 12.84 -17.77
CA LEU C 76 15.45 11.68 -16.92
C LEU C 76 16.32 12.01 -15.72
N TYR C 77 15.92 11.53 -14.54
CA TYR C 77 16.65 11.72 -13.29
C TYR C 77 16.81 10.41 -12.60
N VAL C 78 17.89 10.26 -11.83
CA VAL C 78 18.11 9.13 -10.95
C VAL C 78 18.61 9.68 -9.62
N GLY C 79 18.61 8.87 -8.56
CA GLY C 79 19.03 9.28 -7.22
C GLY C 79 18.33 10.50 -6.66
N LYS C 80 19.07 11.39 -6.02
CA LYS C 80 18.54 12.63 -5.44
C LYS C 80 18.57 13.68 -6.55
N LYS C 81 17.50 13.68 -7.40
CA LYS C 81 17.37 14.62 -8.51
C LYS C 81 18.65 14.76 -9.41
N GLN C 82 19.27 13.64 -9.77
CA GLN C 82 20.46 13.67 -10.62
C GLN C 82 20.06 13.53 -12.11
N LEU C 83 20.01 14.67 -12.84
CA LEU C 83 19.65 14.66 -14.26
C LEU C 83 20.69 13.89 -15.04
N VAL C 84 20.26 12.98 -15.88
CA VAL C 84 21.17 12.25 -16.75
C VAL C 84 20.78 12.48 -18.21
N GLU C 85 21.77 12.73 -19.08
CA GLU C 85 21.49 12.95 -20.50
C GLU C 85 21.34 11.64 -21.30
N ILE C 86 20.34 11.58 -22.17
CA ILE C 86 20.05 10.41 -23.00
C ILE C 86 20.74 10.48 -24.36
N GLU C 87 21.33 9.36 -24.79
CA GLU C 87 21.96 9.24 -26.11
C GLU C 87 20.90 8.80 -27.13
N LYS C 88 20.17 7.68 -26.83
CA LYS C 88 19.10 7.19 -27.70
C LYS C 88 18.08 6.30 -27.01
N VAL C 89 17.03 5.98 -27.76
CA VAL C 89 15.95 5.13 -27.28
C VAL C 89 15.83 3.97 -28.27
N VAL C 90 15.48 2.78 -27.76
CA VAL C 90 15.24 1.61 -28.63
C VAL C 90 13.90 0.98 -28.28
N LEU C 91 12.93 1.05 -29.19
CA LEU C 91 11.62 0.45 -28.93
C LEU C 91 11.64 -1.05 -29.16
N HIS C 92 10.90 -1.82 -28.35
CA HIS C 92 10.84 -3.26 -28.60
C HIS C 92 10.23 -3.45 -29.98
N PRO C 93 10.78 -4.33 -30.85
CA PRO C 93 10.19 -4.48 -32.19
C PRO C 93 8.73 -4.91 -32.21
N ASN C 94 8.28 -5.58 -31.15
CA ASN C 94 6.88 -5.96 -31.05
C ASN C 94 6.24 -5.29 -29.85
N TYR C 95 6.39 -3.96 -29.75
CA TYR C 95 5.94 -3.23 -28.57
C TYR C 95 4.40 -3.23 -28.34
N SER C 96 3.58 -3.59 -29.35
CA SER C 96 2.12 -3.71 -29.14
C SER C 96 1.76 -4.96 -28.31
N GLN C 97 2.72 -5.92 -28.22
CA GLN C 97 2.58 -7.17 -27.51
C GLN C 97 3.41 -7.15 -26.25
N VAL C 98 4.64 -6.61 -26.33
CA VAL C 98 5.62 -6.50 -25.25
C VAL C 98 5.88 -4.98 -25.03
N ASP C 99 5.17 -4.36 -24.06
CA ASP C 99 5.16 -2.90 -23.83
C ASP C 99 6.47 -2.41 -23.19
N ILE C 100 7.51 -2.34 -24.04
CA ILE C 100 8.84 -2.07 -23.60
C ILE C 100 9.64 -1.22 -24.52
N GLY C 101 10.54 -0.46 -23.89
CA GLY C 101 11.59 0.29 -24.57
C GLY C 101 12.86 0.36 -23.75
N LEU C 102 14.00 0.54 -24.40
CA LEU C 102 15.26 0.72 -23.67
C LEU C 102 15.75 2.15 -23.86
N ILE C 103 16.38 2.70 -22.81
CA ILE C 103 16.97 4.02 -22.86
C ILE C 103 18.47 3.88 -22.69
N LYS C 104 19.27 4.47 -23.62
CA LYS C 104 20.74 4.49 -23.46
C LYS C 104 21.22 5.88 -23.07
N LEU C 105 21.98 5.96 -22.02
CA LEU C 105 22.55 7.22 -21.58
C LEU C 105 23.82 7.54 -22.35
N LYS C 106 24.16 8.84 -22.45
CA LYS C 106 25.38 9.25 -23.16
C LYS C 106 26.59 8.74 -22.41
N GLN C 107 26.48 8.64 -21.07
CA GLN C 107 27.56 8.08 -20.29
C GLN C 107 27.07 7.30 -19.10
N LYS C 108 27.95 6.46 -18.56
CA LYS C 108 27.64 5.63 -17.41
C LYS C 108 27.31 6.52 -16.21
N VAL C 109 26.40 6.06 -15.35
CA VAL C 109 26.07 6.77 -14.12
C VAL C 109 27.15 6.45 -13.12
N SER C 110 27.31 7.27 -12.09
CA SER C 110 28.29 6.89 -11.09
C SER C 110 27.50 6.19 -10.03
N VAL C 111 27.87 4.95 -9.78
CA VAL C 111 27.18 4.10 -8.83
C VAL C 111 27.56 4.54 -7.44
N ASN C 112 26.58 4.51 -6.53
CA ASN C 112 26.73 4.81 -5.13
C ASN C 112 25.54 4.24 -4.38
N GLU C 113 25.36 4.65 -3.13
CA GLU C 113 24.28 4.24 -2.25
C GLU C 113 22.88 4.62 -2.80
N ARG C 114 22.76 5.68 -3.61
CA ARG C 114 21.47 6.14 -4.15
C ARG C 114 21.20 5.79 -5.59
N VAL C 115 22.23 5.39 -6.33
CA VAL C 115 22.16 5.04 -7.78
C VAL C 115 22.86 3.70 -8.03
N MET C 116 22.12 2.66 -8.36
CA MET C 116 22.70 1.34 -8.61
C MET C 116 21.72 0.50 -9.41
N PRO C 117 22.22 -0.23 -10.44
CA PRO C 117 21.30 -1.07 -11.23
C PRO C 117 20.79 -2.29 -10.46
N ILE C 118 19.64 -2.76 -10.87
CA ILE C 118 19.02 -3.98 -10.38
C ILE C 118 19.50 -5.08 -11.32
N CYS C 119 19.61 -6.32 -10.81
CA CYS C 119 20.05 -7.42 -11.65
C CYS C 119 18.94 -7.94 -12.49
N LEU C 120 19.30 -8.44 -13.69
CA LEU C 120 18.34 -9.10 -14.57
C LEU C 120 18.35 -10.57 -14.16
N PRO C 121 17.19 -11.24 -14.07
CA PRO C 121 17.21 -12.59 -13.55
C PRO C 121 17.44 -13.67 -14.53
N SER C 122 18.02 -14.73 -13.99
CA SER C 122 18.27 -16.00 -14.67
C SER C 122 17.04 -16.90 -14.45
N LYS C 123 16.46 -16.90 -13.24
CA LYS C 123 15.25 -17.67 -12.90
C LYS C 123 13.97 -16.87 -13.19
N ASP C 124 12.86 -17.58 -13.30
CA ASP C 124 11.56 -16.97 -13.48
C ASP C 124 10.91 -16.89 -12.11
N TYR C 125 10.95 -15.69 -11.49
CA TYR C 125 10.35 -15.47 -10.18
C TYR C 125 8.91 -14.98 -10.29
N ALA C 126 8.28 -15.02 -11.49
CA ALA C 126 6.88 -14.54 -11.64
C ALA C 126 5.83 -15.63 -11.33
N GLU C 127 5.98 -16.30 -10.15
CA GLU C 127 5.16 -17.40 -9.68
C GLU C 127 4.33 -16.99 -8.51
N VAL C 128 3.13 -17.56 -8.37
CA VAL C 128 2.32 -17.22 -7.20
C VAL C 128 3.11 -17.80 -5.97
N GLY C 129 3.11 -17.06 -4.87
CA GLY C 129 3.93 -17.40 -3.72
C GLY C 129 5.13 -16.50 -3.64
N ARG C 130 5.34 -15.69 -4.69
CA ARG C 130 6.39 -14.68 -4.76
C ARG C 130 5.83 -13.30 -4.41
N VAL C 131 6.58 -12.51 -3.63
CA VAL C 131 6.20 -11.15 -3.18
C VAL C 131 7.21 -10.20 -3.78
N GLY C 132 6.76 -9.14 -4.43
CA GLY C 132 7.66 -8.14 -4.97
C GLY C 132 7.45 -6.75 -4.41
N TYR C 133 8.48 -5.90 -4.53
CA TYR C 133 8.45 -4.50 -4.11
C TYR C 133 8.49 -3.63 -5.34
N VAL C 134 7.47 -2.78 -5.48
CA VAL C 134 7.31 -1.91 -6.63
C VAL C 134 7.40 -0.50 -6.13
N SER C 135 8.47 0.18 -6.52
CA SER C 135 8.67 1.59 -6.18
C SER C 135 8.14 2.42 -7.37
N GLY C 136 7.81 3.66 -7.14
CA GLY C 136 7.26 4.46 -8.22
C GLY C 136 7.10 5.92 -7.90
N TRP C 137 7.09 6.76 -8.95
CA TRP C 137 6.89 8.20 -8.88
C TRP C 137 5.46 8.61 -9.34
N GLY C 138 4.58 7.62 -9.41
CA GLY C 138 3.21 7.79 -9.88
C GLY C 138 2.34 8.62 -8.97
N ARG C 139 1.08 8.76 -9.36
CA ARG C 139 0.14 9.56 -8.61
C ARG C 139 -0.28 8.83 -7.34
N ASN C 140 -0.50 9.61 -6.28
CA ASN C 140 -0.87 9.06 -4.97
C ASN C 140 -2.38 9.07 -4.74
N ALA C 141 -2.79 8.83 -3.47
CA ALA C 141 -4.20 8.83 -3.07
C ALA C 141 -4.96 10.14 -3.39
N ASN C 142 -4.25 11.26 -3.59
CA ASN C 142 -4.88 12.54 -3.92
C ASN C 142 -4.74 12.84 -5.43
N PHE C 143 -4.26 11.86 -6.21
CA PHE C 143 -4.01 11.99 -7.65
C PHE C 143 -2.95 13.05 -7.97
N LYS C 144 -2.02 13.31 -7.04
CA LYS C 144 -0.92 14.21 -7.26
C LYS C 144 0.30 13.33 -7.47
N PHE C 145 1.23 13.75 -8.39
CA PHE C 145 2.50 13.02 -8.52
C PHE C 145 3.21 13.13 -7.21
N THR C 146 3.62 11.96 -6.68
CA THR C 146 4.25 11.91 -5.38
C THR C 146 5.55 12.75 -5.31
N ASP C 147 5.67 13.52 -4.23
CA ASP C 147 6.84 14.34 -3.93
C ASP C 147 8.04 13.51 -3.47
N HIS C 148 7.74 12.39 -2.81
CA HIS C 148 8.68 11.46 -2.22
C HIS C 148 8.44 10.07 -2.81
N LEU C 149 9.51 9.32 -3.03
CA LEU C 149 9.40 7.97 -3.55
C LEU C 149 8.71 7.07 -2.53
N LYS C 150 7.81 6.25 -3.04
CA LYS C 150 7.03 5.33 -2.23
C LYS C 150 7.10 3.95 -2.87
N TYR C 151 6.70 2.94 -2.14
CA TYR C 151 6.65 1.64 -2.71
C TYR C 151 5.51 0.87 -2.18
N VAL C 152 5.17 -0.19 -2.90
CA VAL C 152 4.17 -1.11 -2.43
C VAL C 152 4.77 -2.52 -2.42
N MET C 153 4.36 -3.32 -1.47
CA MET C 153 4.71 -4.75 -1.45
C MET C 153 3.50 -5.47 -2.02
N LEU C 154 3.70 -6.18 -3.12
CA LEU C 154 2.57 -6.88 -3.76
C LEU C 154 2.88 -8.33 -4.06
N PRO C 155 1.88 -9.22 -3.94
CA PRO C 155 2.11 -10.62 -4.34
C PRO C 155 1.82 -10.89 -5.81
N VAL C 156 2.59 -11.81 -6.44
CA VAL C 156 2.28 -12.27 -7.79
C VAL C 156 0.92 -13.01 -7.67
N ALA C 157 0.04 -12.71 -8.61
CA ALA C 157 -1.29 -13.29 -8.64
C ALA C 157 -1.38 -14.37 -9.68
N ASP C 158 -2.42 -15.19 -9.55
CA ASP C 158 -2.72 -16.26 -10.49
C ASP C 158 -3.07 -15.63 -11.84
N GLN C 159 -2.35 -16.03 -12.90
CA GLN C 159 -2.54 -15.52 -14.27
C GLN C 159 -3.98 -15.66 -14.77
N ASP C 160 -4.59 -16.84 -14.56
CA ASP C 160 -5.96 -17.08 -14.98
C ASP C 160 -6.96 -16.20 -14.24
N GLN C 161 -6.75 -15.96 -12.93
CA GLN C 161 -7.63 -15.08 -12.15
C GLN C 161 -7.61 -13.69 -12.77
N CYS C 162 -6.41 -13.23 -13.09
CA CYS C 162 -6.20 -11.91 -13.66
C CYS C 162 -6.81 -11.76 -15.03
N ILE C 163 -6.65 -12.78 -15.87
CA ILE C 163 -7.21 -12.79 -17.21
C ILE C 163 -8.70 -12.72 -17.13
N ARG C 164 -9.30 -13.45 -16.20
CA ARG C 164 -10.77 -13.46 -16.09
C ARG C 164 -11.27 -12.09 -15.61
N HIS C 165 -10.51 -11.45 -14.74
CA HIS C 165 -10.87 -10.14 -14.23
C HIS C 165 -11.00 -9.05 -15.33
N TYR C 166 -10.03 -9.01 -16.26
CA TYR C 166 -10.00 -8.00 -17.31
C TYR C 166 -10.67 -8.43 -18.59
N GLU C 167 -10.69 -9.75 -18.87
CA GLU C 167 -11.14 -10.28 -20.15
C GLU C 167 -12.30 -11.28 -20.09
N GLY C 168 -12.78 -11.57 -18.87
CA GLY C 168 -13.90 -12.46 -18.65
C GLY C 168 -13.59 -13.94 -18.73
N SER C 169 -12.71 -14.35 -19.65
CA SER C 169 -12.42 -15.76 -19.87
C SER C 169 -11.03 -15.94 -20.40
N THR C 170 -10.47 -17.13 -20.19
CA THR C 170 -9.18 -17.52 -20.79
C THR C 170 -9.37 -18.03 -22.24
N VAL C 171 -10.63 -18.24 -22.65
CA VAL C 171 -10.94 -18.75 -23.97
C VAL C 171 -11.13 -17.58 -24.93
N PRO C 172 -10.31 -17.51 -26.02
CA PRO C 172 -10.38 -16.34 -26.92
C PRO C 172 -11.78 -15.98 -27.39
N GLU C 173 -12.57 -16.94 -27.82
CA GLU C 173 -13.92 -16.63 -28.32
C GLU C 173 -14.89 -16.19 -27.21
N LYS C 174 -14.54 -16.38 -25.94
CA LYS C 174 -15.44 -15.94 -24.87
C LYS C 174 -15.00 -14.60 -24.25
N LYS C 175 -13.87 -14.03 -24.71
CA LYS C 175 -13.35 -12.78 -24.15
C LYS C 175 -14.21 -11.60 -24.47
N THR C 176 -14.31 -10.69 -23.50
CA THR C 176 -15.06 -9.44 -23.61
C THR C 176 -14.26 -8.41 -22.84
N PRO C 177 -14.27 -7.10 -23.21
CA PRO C 177 -13.55 -6.12 -22.39
C PRO C 177 -14.22 -5.85 -21.04
N LYS C 178 -13.76 -6.50 -19.97
CA LYS C 178 -14.32 -6.38 -18.62
C LYS C 178 -13.55 -5.46 -17.64
N SER C 179 -12.50 -4.77 -18.10
CA SER C 179 -11.69 -3.90 -17.22
C SER C 179 -12.49 -2.92 -16.40
N PRO C 180 -12.44 -3.01 -15.05
CA PRO C 180 -13.14 -2.02 -14.21
C PRO C 180 -12.77 -0.56 -14.42
N VAL C 181 -11.64 -0.25 -15.08
CA VAL C 181 -11.20 1.15 -15.29
C VAL C 181 -11.48 1.64 -16.72
N GLY C 182 -12.04 0.78 -17.55
CA GLY C 182 -12.45 1.13 -18.90
C GLY C 182 -11.37 1.14 -19.95
N VAL C 183 -10.15 0.75 -19.58
CA VAL C 183 -9.05 0.57 -20.50
C VAL C 183 -8.45 -0.83 -20.20
N GLN C 184 -8.18 -1.58 -21.29
CA GLN C 184 -7.68 -2.93 -21.23
C GLN C 184 -6.19 -3.01 -21.18
N PRO C 185 -5.65 -3.84 -20.27
CA PRO C 185 -4.20 -4.06 -20.28
C PRO C 185 -3.82 -4.98 -21.43
N ILE C 186 -2.54 -5.02 -21.77
CA ILE C 186 -2.02 -5.98 -22.72
C ILE C 186 -1.68 -7.20 -21.85
N LEU C 187 -2.42 -8.29 -22.06
CA LEU C 187 -2.22 -9.52 -21.31
C LEU C 187 -1.92 -10.66 -22.23
N ASN C 188 -0.80 -11.32 -22.00
CA ASN C 188 -0.39 -12.48 -22.79
C ASN C 188 0.65 -13.32 -22.05
N GLU C 189 1.22 -14.30 -22.75
CA GLU C 189 2.24 -15.22 -22.24
C GLU C 189 3.53 -14.50 -21.83
N HIS C 190 3.73 -13.27 -22.32
CA HIS C 190 4.88 -12.45 -21.96
C HIS C 190 4.65 -11.61 -20.69
N THR C 191 3.43 -11.64 -20.10
CA THR C 191 3.13 -10.78 -18.93
C THR C 191 2.75 -11.58 -17.68
N PHE C 192 2.80 -10.93 -16.48
CA PHE C 192 2.28 -11.44 -15.21
C PHE C 192 1.52 -10.35 -14.50
N CYS C 193 0.72 -10.75 -13.52
CA CYS C 193 -0.07 -9.84 -12.74
C CYS C 193 0.37 -9.86 -11.32
N ALA C 194 0.13 -8.75 -10.65
CA ALA C 194 0.33 -8.73 -9.23
C ALA C 194 -0.85 -8.07 -8.58
N GLY C 195 -1.16 -8.52 -7.39
CA GLY C 195 -2.30 -8.07 -6.61
C GLY C 195 -2.17 -6.70 -6.01
N MET C 196 -2.82 -6.58 -4.88
CA MET C 196 -2.89 -5.35 -4.12
C MET C 196 -2.29 -5.68 -2.75
N SER C 197 -1.74 -4.65 -2.07
CA SER C 197 -1.10 -4.76 -0.77
C SER C 197 -2.14 -5.18 0.28
N LYS C 198 -1.65 -5.69 1.43
CA LYS C 198 -2.41 -6.11 2.62
C LYS C 198 -3.42 -5.02 3.10
N TYR C 199 -3.02 -3.72 2.94
CA TYR C 199 -3.67 -2.45 3.27
C TYR C 199 -4.29 -1.80 2.04
N GLN C 200 -4.54 -2.60 1.00
CA GLN C 200 -5.21 -2.27 -0.26
C GLN C 200 -4.65 -1.05 -1.04
N GLU C 201 -3.33 -0.95 -1.03
CA GLU C 201 -2.54 0.04 -1.75
C GLU C 201 -2.31 -0.61 -3.10
N ASP C 202 -2.31 0.20 -4.18
CA ASP C 202 -2.07 -0.30 -5.52
C ASP C 202 -1.12 0.66 -6.23
N THR C 203 -0.82 0.42 -7.49
CA THR C 203 -0.05 1.28 -8.38
C THR C 203 -1.05 2.15 -9.10
N CYS C 204 -0.60 3.27 -9.63
CA CYS C 204 -1.46 4.22 -10.35
C CYS C 204 -0.64 5.03 -11.37
N TYR C 205 -1.24 6.01 -12.04
CA TYR C 205 -0.65 6.73 -13.17
C TYR C 205 0.75 7.26 -12.92
N GLY C 206 1.68 6.79 -13.74
CA GLY C 206 3.06 7.22 -13.68
C GLY C 206 3.96 6.16 -13.10
N ASP C 207 3.39 5.13 -12.48
CA ASP C 207 4.17 4.06 -11.92
C ASP C 207 4.72 3.08 -12.96
N ALA C 208 4.15 3.06 -14.19
CA ALA C 208 4.64 2.17 -15.24
C ALA C 208 6.11 2.48 -15.49
N GLY C 209 6.87 1.44 -15.83
CA GLY C 209 8.29 1.53 -16.09
C GLY C 209 9.07 1.14 -14.88
N SER C 210 8.41 1.07 -13.75
CA SER C 210 9.05 0.67 -12.51
C SER C 210 9.19 -0.83 -12.42
N ALA C 211 10.15 -1.31 -11.64
CA ALA C 211 10.38 -2.73 -11.49
C ALA C 211 9.61 -3.37 -10.36
N PHE C 212 9.14 -4.58 -10.66
CA PHE C 212 8.61 -5.51 -9.69
C PHE C 212 9.89 -6.23 -9.25
N ALA C 213 10.44 -5.83 -8.12
CA ALA C 213 11.72 -6.35 -7.66
C ALA C 213 11.52 -7.47 -6.67
N VAL C 214 12.18 -8.62 -6.93
CA VAL C 214 12.14 -9.82 -6.10
C VAL C 214 13.47 -10.05 -5.42
N HIS C 215 13.43 -10.36 -4.14
CA HIS C 215 14.62 -10.62 -3.36
C HIS C 215 14.93 -12.09 -3.30
N ASP C 216 15.98 -12.49 -4.01
CA ASP C 216 16.42 -13.89 -3.93
C ASP C 216 17.21 -14.05 -2.62
N LEU C 217 16.63 -14.80 -1.67
CA LEU C 217 17.21 -14.92 -0.33
C LEU C 217 18.47 -15.79 -0.29
N GLU C 218 18.61 -16.76 -1.21
CA GLU C 218 19.80 -17.61 -1.28
C GLU C 218 21.04 -16.76 -1.64
N GLU C 219 20.93 -15.92 -2.65
CA GLU C 219 22.01 -15.06 -3.12
C GLU C 219 22.04 -13.76 -2.39
N ASP C 220 20.93 -13.40 -1.75
CA ASP C 220 20.77 -12.09 -1.13
C ASP C 220 20.95 -10.98 -2.22
N THR C 221 20.26 -11.14 -3.34
CA THR C 221 20.33 -10.20 -4.45
C THR C 221 18.92 -9.83 -4.89
N TRP C 222 18.75 -8.60 -5.42
CA TRP C 222 17.49 -8.09 -5.95
C TRP C 222 17.49 -8.12 -7.46
N TYR C 223 16.42 -8.68 -7.97
CA TYR C 223 16.20 -8.91 -9.38
C TYR C 223 14.95 -8.24 -9.94
N ALA C 224 15.04 -7.74 -11.20
CA ALA C 224 13.87 -7.19 -11.85
C ALA C 224 13.10 -8.31 -12.47
N THR C 225 12.00 -8.72 -11.83
CA THR C 225 11.16 -9.79 -12.36
C THR C 225 10.18 -9.27 -13.41
N GLY C 226 9.68 -8.09 -13.21
CA GLY C 226 8.78 -7.47 -14.16
C GLY C 226 9.01 -5.99 -14.23
N ILE C 227 8.49 -5.43 -15.33
CA ILE C 227 8.41 -3.99 -15.54
C ILE C 227 6.92 -3.68 -15.58
N LEU C 228 6.45 -2.79 -14.71
CA LEU C 228 5.02 -2.44 -14.70
C LEU C 228 4.55 -1.80 -16.02
N SER C 229 3.52 -2.41 -16.64
CA SER C 229 2.96 -1.98 -17.90
C SER C 229 1.63 -1.29 -17.66
N PHE C 230 0.71 -2.00 -17.02
CA PHE C 230 -0.63 -1.47 -16.76
C PHE C 230 -0.63 -0.79 -15.43
N ASP C 231 -0.47 0.58 -15.44
CA ASP C 231 -0.43 1.38 -14.20
C ASP C 231 -1.73 2.15 -13.99
N LYS C 232 -2.82 1.58 -14.46
CA LYS C 232 -4.13 2.23 -14.39
C LYS C 232 -5.11 1.56 -13.41
N SER C 233 -4.68 0.53 -12.67
CA SER C 233 -5.58 -0.20 -11.79
C SER C 233 -6.01 0.67 -10.64
N CYS C 234 -5.07 1.37 -9.99
CA CYS C 234 -5.38 2.38 -8.96
C CYS C 234 -6.29 1.92 -7.84
N ALA C 235 -6.26 0.66 -7.47
CA ALA C 235 -7.10 0.04 -6.46
C ALA C 235 -8.57 0.01 -6.89
N VAL C 236 -8.87 0.23 -8.18
CA VAL C 236 -10.22 0.10 -8.74
C VAL C 236 -10.31 -1.26 -9.45
N ALA C 237 -9.41 -1.50 -10.43
CA ALA C 237 -9.25 -2.83 -10.96
C ALA C 237 -8.31 -3.52 -9.96
N GLU C 238 -8.33 -4.82 -9.91
CA GLU C 238 -7.60 -5.51 -8.87
C GLU C 238 -6.14 -5.81 -9.16
N TYR C 239 -5.67 -5.80 -10.43
CA TYR C 239 -4.28 -6.16 -10.71
C TYR C 239 -3.46 -5.23 -11.60
N GLY C 240 -2.20 -5.14 -11.25
CA GLY C 240 -1.22 -4.49 -12.07
C GLY C 240 -0.69 -5.58 -12.99
N VAL C 241 -0.33 -5.19 -14.25
CA VAL C 241 0.17 -6.09 -15.26
C VAL C 241 1.57 -5.66 -15.63
N TYR C 242 2.49 -6.63 -15.57
CA TYR C 242 3.92 -6.48 -15.71
C TYR C 242 4.47 -7.27 -16.86
N VAL C 243 5.46 -6.71 -17.55
CA VAL C 243 6.17 -7.42 -18.61
C VAL C 243 7.21 -8.31 -17.90
N LYS C 244 7.24 -9.61 -18.22
CA LYS C 244 8.18 -10.57 -17.65
C LYS C 244 9.55 -10.28 -18.20
N VAL C 245 10.48 -9.89 -17.35
CA VAL C 245 11.85 -9.62 -17.77
C VAL C 245 12.51 -10.83 -18.43
N THR C 246 12.28 -12.07 -17.93
CA THR C 246 12.83 -13.26 -18.57
C THR C 246 12.40 -13.37 -20.01
N SER C 247 11.21 -12.87 -20.35
CA SER C 247 10.77 -13.01 -21.74
C SER C 247 11.40 -11.98 -22.71
N ILE C 248 12.10 -10.96 -22.20
CA ILE C 248 12.75 -9.96 -23.07
C ILE C 248 14.27 -9.89 -22.90
N GLN C 249 14.82 -10.77 -22.04
CA GLN C 249 16.22 -10.79 -21.66
C GLN C 249 17.16 -10.89 -22.82
N ASP C 250 16.86 -11.79 -23.78
CA ASP C 250 17.69 -11.96 -24.97
C ASP C 250 17.68 -10.72 -25.83
N TRP C 251 16.49 -10.14 -26.05
CA TRP C 251 16.41 -8.91 -26.81
C TRP C 251 17.18 -7.80 -26.10
N VAL C 252 17.10 -7.72 -24.77
CA VAL C 252 17.82 -6.66 -24.04
C VAL C 252 19.34 -6.81 -24.26
N GLN C 253 19.85 -8.04 -24.11
CA GLN C 253 21.27 -8.33 -24.23
C GLN C 253 21.82 -8.02 -25.59
N LYS C 254 21.06 -8.37 -26.63
CA LYS C 254 21.45 -8.11 -28.02
C LYS C 254 21.49 -6.62 -28.26
N THR C 255 20.45 -5.92 -27.81
CA THR C 255 20.38 -4.50 -28.03
C THR C 255 21.57 -3.77 -27.39
N ILE C 256 21.85 -4.08 -26.12
CA ILE C 256 22.97 -3.47 -25.39
C ILE C 256 24.30 -3.76 -26.08
N ALA C 257 24.53 -5.04 -26.47
CA ALA C 257 25.75 -5.46 -27.17
C ALA C 257 25.91 -4.73 -28.50
N GLU C 258 24.81 -4.43 -29.18
CA GLU C 258 24.87 -3.70 -30.45
C GLU C 258 24.96 -2.17 -30.39
N ASN C 259 24.77 -1.49 -29.22
CA ASN C 259 24.70 -0.03 -29.28
C ASN C 259 25.59 0.80 -28.38
N GLY D 1 11.41 17.85 44.20
CA GLY D 1 11.37 18.45 42.88
C GLY D 1 12.74 18.57 42.24
N LEU D 2 12.81 18.96 40.96
CA LEU D 2 14.11 19.06 40.30
C LEU D 2 14.64 20.47 40.53
N LYS D 3 15.74 20.59 41.28
CA LYS D 3 16.22 21.91 41.68
C LYS D 3 17.57 22.31 41.08
N THR D 4 18.29 21.34 40.53
CA THR D 4 19.59 21.60 39.93
C THR D 4 19.54 21.36 38.43
N LYS D 5 20.49 21.94 37.69
CA LYS D 5 20.61 21.71 36.25
C LYS D 5 20.84 20.20 35.99
N ASP D 6 21.66 19.55 36.82
CA ASP D 6 21.96 18.14 36.71
C ASP D 6 20.73 17.24 36.86
N GLU D 7 19.88 17.51 37.88
CA GLU D 7 18.64 16.74 38.05
C GLU D 7 17.74 16.94 36.83
N VAL D 8 17.59 18.20 36.35
CA VAL D 8 16.73 18.49 35.20
C VAL D 8 17.21 17.74 33.97
N GLU D 9 18.52 17.71 33.72
CA GLU D 9 19.09 17.03 32.54
C GLU D 9 18.90 15.52 32.61
N LYS D 10 19.07 14.93 33.81
CA LYS D 10 18.82 13.50 33.96
C LYS D 10 17.34 13.17 33.72
N ALA D 11 16.43 14.01 34.24
CA ALA D 11 14.99 13.83 34.06
C ALA D 11 14.60 14.02 32.61
N CYS D 12 15.17 15.03 31.95
CA CYS D 12 14.90 15.33 30.55
C CYS D 12 15.25 14.15 29.68
N HIS D 13 16.47 13.65 29.82
CA HIS D 13 16.96 12.52 29.05
C HIS D 13 16.08 11.30 29.27
N LEU D 14 15.72 11.00 30.53
CA LEU D 14 14.83 9.87 30.80
C LEU D 14 13.46 10.01 30.12
N ALA D 15 12.82 11.19 30.23
CA ALA D 15 11.52 11.45 29.63
C ALA D 15 11.55 11.25 28.15
N GLN D 16 12.63 11.71 27.51
CA GLN D 16 12.81 11.54 26.07
C GLN D 16 12.91 10.06 25.69
N GLN D 17 13.72 9.29 26.42
CA GLN D 17 13.93 7.87 26.15
C GLN D 17 12.66 7.07 26.37
N LEU D 18 11.90 7.36 27.46
CA LEU D 18 10.62 6.68 27.71
C LEU D 18 9.60 6.94 26.59
N LYS D 19 9.54 8.23 26.13
CA LYS D 19 8.67 8.62 25.03
C LYS D 19 9.14 7.97 23.74
N GLU D 20 10.47 7.77 23.58
CA GLU D 20 11.02 7.17 22.38
C GLU D 20 10.70 5.71 22.22
N VAL D 21 10.45 5.02 23.31
CA VAL D 21 10.12 3.60 23.28
C VAL D 21 9.04 3.28 22.22
N SER D 22 7.87 3.95 22.28
CA SER D 22 6.81 3.67 21.31
C SER D 22 7.19 3.99 19.89
N ILE D 23 7.96 5.06 19.68
CA ILE D 23 8.35 5.48 18.35
C ILE D 23 9.29 4.47 17.74
N THR D 24 10.37 4.10 18.48
CA THR D 24 11.36 3.13 18.02
C THR D 24 10.70 1.79 17.73
N LEU D 25 9.84 1.33 18.65
CA LEU D 25 9.19 0.05 18.46
C LEU D 25 8.22 0.00 17.30
N GLY D 26 7.55 1.10 16.98
CA GLY D 26 6.65 1.14 15.83
C GLY D 26 7.42 0.98 14.55
N VAL D 27 8.56 1.66 14.49
CA VAL D 27 9.44 1.53 13.34
C VAL D 27 9.91 0.09 13.17
N ILE D 28 10.43 -0.52 14.26
CA ILE D 28 10.92 -1.90 14.28
C ILE D 28 9.80 -2.87 13.91
N TYR D 29 8.61 -2.69 14.50
CA TYR D 29 7.45 -3.54 14.21
C TYR D 29 7.08 -3.53 12.74
N ARG D 30 7.10 -2.35 12.10
CA ARG D 30 6.74 -2.22 10.71
C ARG D 30 7.69 -2.98 9.79
N THR D 31 8.87 -3.41 10.27
CA THR D 31 9.75 -4.26 9.46
C THR D 31 9.25 -5.73 9.40
N THR D 32 8.29 -6.10 10.24
CA THR D 32 7.78 -7.46 10.22
C THR D 32 6.68 -7.64 9.18
N GLU D 33 6.14 -6.55 8.64
CA GLU D 33 5.09 -6.66 7.66
C GLU D 33 5.54 -7.48 6.46
N ARG D 34 6.78 -7.31 5.97
CA ARG D 34 7.26 -8.08 4.82
C ARG D 34 7.20 -9.55 5.04
N HIS D 35 7.40 -9.96 6.30
CA HIS D 35 7.39 -11.37 6.67
C HIS D 35 5.98 -11.92 6.72
N SER D 36 5.03 -11.13 7.27
CA SER D 36 3.61 -11.48 7.25
C SER D 36 3.14 -11.66 5.78
N VAL D 37 3.51 -10.71 4.87
CA VAL D 37 3.18 -10.79 3.45
C VAL D 37 3.80 -12.05 2.84
N GLN D 38 5.07 -12.33 3.16
CA GLN D 38 5.71 -13.51 2.59
C GLN D 38 5.06 -14.83 2.95
N VAL D 39 4.72 -15.00 4.20
CA VAL D 39 4.14 -16.22 4.76
C VAL D 39 2.70 -16.44 4.24
N GLU D 40 1.97 -15.34 3.99
CA GLU D 40 0.66 -15.40 3.35
C GLU D 40 0.81 -15.80 1.88
N ALA D 41 1.90 -15.33 1.25
CA ALA D 41 2.20 -15.77 -0.12
C ALA D 41 2.58 -17.26 -0.14
N HIS D 42 3.28 -17.76 0.91
CA HIS D 42 3.61 -19.19 0.94
C HIS D 42 2.33 -20.01 0.98
N LYS D 43 1.38 -19.59 1.81
CA LYS D 43 0.12 -20.31 1.95
C LYS D 43 -0.66 -20.38 0.63
N THR D 44 -0.77 -19.26 -0.09
CA THR D 44 -1.40 -19.23 -1.40
C THR D 44 -0.70 -20.16 -2.37
N ALA D 45 0.65 -20.10 -2.44
CA ALA D 45 1.43 -20.96 -3.31
C ALA D 45 1.22 -22.40 -2.97
N ILE D 46 1.12 -22.76 -1.68
CA ILE D 46 0.88 -24.14 -1.27
C ILE D 46 -0.47 -24.63 -1.75
N ASP D 47 -1.49 -23.78 -1.64
CA ASP D 47 -2.84 -24.13 -2.11
C ASP D 47 -2.81 -24.37 -3.60
N LYS D 48 -2.11 -23.52 -4.38
CA LYS D 48 -1.94 -23.69 -5.84
C LYS D 48 -1.20 -25.00 -6.15
N HIS D 49 -0.12 -25.32 -5.40
CA HIS D 49 0.62 -26.57 -5.60
C HIS D 49 -0.25 -27.77 -5.34
N ALA D 50 -0.99 -27.75 -4.21
CA ALA D 50 -1.88 -28.83 -3.84
C ALA D 50 -2.87 -29.11 -4.96
N ASP D 51 -3.39 -28.06 -5.61
CA ASP D 51 -4.31 -28.20 -6.73
C ASP D 51 -3.58 -28.80 -7.96
N ALA D 52 -2.41 -28.27 -8.28
CA ALA D 52 -1.64 -28.72 -9.42
C ALA D 52 -1.21 -30.18 -9.34
N VAL D 53 -0.86 -30.66 -8.14
CA VAL D 53 -0.43 -32.06 -7.96
C VAL D 53 -1.60 -33.03 -7.73
N SER D 54 -2.86 -32.54 -7.63
CA SER D 54 -3.97 -33.42 -7.29
C SER D 54 -4.18 -34.56 -8.26
N ARG D 55 -3.90 -34.37 -9.57
CA ARG D 55 -4.04 -35.48 -10.51
C ARG D 55 -2.99 -36.55 -10.27
N ALA D 56 -1.75 -36.14 -9.97
CA ALA D 56 -0.70 -37.09 -9.63
C ALA D 56 -1.09 -37.82 -8.33
N VAL D 57 -1.61 -37.11 -7.33
CA VAL D 57 -2.03 -37.73 -6.07
C VAL D 57 -3.17 -38.72 -6.28
N GLU D 58 -4.12 -38.37 -7.16
CA GLU D 58 -5.25 -39.22 -7.50
C GLU D 58 -4.73 -40.50 -8.16
N ALA D 59 -3.75 -40.40 -9.07
CA ALA D 59 -3.19 -41.60 -9.68
C ALA D 59 -2.52 -42.51 -8.64
N LEU D 60 -1.71 -41.93 -7.74
CA LEU D 60 -1.08 -42.72 -6.67
C LEU D 60 -2.12 -43.43 -5.78
N THR D 61 -3.23 -42.75 -5.47
CA THR D 61 -4.34 -43.34 -4.70
C THR D 61 -4.98 -44.51 -5.45
N ARG D 62 -5.22 -44.34 -6.77
CA ARG D 62 -5.76 -45.42 -7.61
C ARG D 62 -4.83 -46.65 -7.55
N VAL D 63 -3.50 -46.45 -7.63
CA VAL D 63 -2.49 -47.50 -7.50
C VAL D 63 -2.65 -48.23 -6.16
N ASP D 64 -2.76 -47.48 -5.03
CA ASP D 64 -2.94 -48.17 -3.75
C ASP D 64 -4.24 -48.94 -3.66
N VAL D 65 -5.33 -48.39 -4.23
CA VAL D 65 -6.57 -49.17 -4.09
C VAL D 65 -6.53 -50.40 -4.98
N ALA D 66 -5.85 -50.37 -6.14
CA ALA D 66 -5.70 -51.60 -6.96
C ALA D 66 -4.81 -52.59 -6.23
N LEU D 67 -3.75 -52.11 -5.58
CA LEU D 67 -2.85 -52.97 -4.80
C LEU D 67 -3.59 -53.63 -3.61
N GLN D 68 -4.43 -52.86 -2.93
CA GLN D 68 -5.18 -53.43 -1.83
C GLN D 68 -6.08 -54.59 -2.32
N ARG D 69 -6.68 -54.41 -3.47
CA ARG D 69 -7.50 -55.48 -4.01
C ARG D 69 -6.64 -56.71 -4.40
N LEU D 70 -5.46 -56.48 -4.99
CA LEU D 70 -4.53 -57.55 -5.33
C LEU D 70 -4.10 -58.30 -4.07
N LYS D 71 -3.84 -57.57 -2.96
CA LYS D 71 -3.51 -58.21 -1.68
C LYS D 71 -4.67 -59.10 -1.23
N GLU D 72 -5.92 -58.60 -1.37
CA GLU D 72 -7.10 -59.40 -1.00
C GLU D 72 -7.22 -60.66 -1.83
N LEU D 73 -6.85 -60.61 -3.11
CA LEU D 73 -6.92 -61.79 -3.98
C LEU D 73 -5.71 -62.71 -3.82
N GLY D 74 -4.74 -62.31 -2.99
CA GLY D 74 -3.48 -63.02 -2.84
C GLY D 74 -2.61 -62.98 -4.08
N LYS D 75 -2.71 -61.91 -4.87
CA LYS D 75 -1.94 -61.77 -6.10
C LYS D 75 -1.03 -60.55 -6.10
N ALA D 76 -0.77 -59.97 -4.92
CA ALA D 76 0.03 -58.73 -4.82
C ALA D 76 1.51 -58.93 -5.19
N ASN D 77 1.90 -60.19 -5.26
CA ASN D 77 3.26 -60.59 -5.66
C ASN D 77 3.37 -60.75 -7.20
N ASP D 78 2.29 -60.40 -7.93
CA ASP D 78 2.30 -60.45 -9.40
C ASP D 78 3.45 -59.56 -9.82
N THR D 79 4.37 -60.11 -10.64
CA THR D 79 5.58 -59.41 -11.09
C THR D 79 5.29 -58.08 -11.74
N LYS D 80 4.19 -57.94 -12.51
CA LYS D 80 3.85 -56.66 -13.12
C LYS D 80 3.46 -55.61 -12.08
N ALA D 81 2.67 -56.04 -11.06
CA ALA D 81 2.26 -55.15 -9.97
C ALA D 81 3.51 -54.71 -9.25
N VAL D 82 4.43 -55.66 -8.96
CA VAL D 82 5.65 -55.36 -8.23
C VAL D 82 6.48 -54.32 -8.99
N LYS D 83 6.57 -54.49 -10.32
CA LYS D 83 7.33 -53.61 -11.20
C LYS D 83 6.74 -52.24 -11.21
N ILE D 84 5.40 -52.14 -11.29
CA ILE D 84 4.71 -50.86 -11.28
C ILE D 84 5.03 -50.13 -9.98
N ILE D 85 4.89 -50.83 -8.85
CA ILE D 85 5.19 -50.24 -7.55
C ILE D 85 6.62 -49.69 -7.48
N GLU D 86 7.60 -50.44 -7.98
CA GLU D 86 8.98 -49.97 -8.02
C GLU D 86 9.08 -48.71 -8.85
N ASN D 87 8.43 -48.67 -10.03
CA ASN D 87 8.50 -47.52 -10.94
C ASN D 87 7.90 -46.27 -10.37
N ILE D 88 6.90 -46.41 -9.51
CA ILE D 88 6.24 -45.24 -8.93
C ILE D 88 6.80 -44.85 -7.57
N THR D 89 7.81 -45.58 -7.03
CA THR D 89 8.33 -45.28 -5.68
C THR D 89 8.95 -43.87 -5.60
N SER D 90 9.57 -43.31 -6.66
CA SER D 90 10.10 -41.95 -6.59
C SER D 90 8.97 -40.96 -6.32
N ALA D 91 7.84 -41.13 -7.03
CA ALA D 91 6.66 -40.28 -6.86
C ALA D 91 6.10 -40.41 -5.47
N ARG D 92 6.03 -41.64 -4.90
CA ARG D 92 5.58 -41.87 -3.53
C ARG D 92 6.47 -41.11 -2.56
N GLU D 93 7.81 -41.18 -2.79
CA GLU D 93 8.80 -40.48 -1.97
C GLU D 93 8.60 -39.00 -2.08
N ASN D 94 8.37 -38.49 -3.31
CA ASN D 94 8.15 -37.06 -3.55
C ASN D 94 6.87 -36.54 -2.92
N LEU D 95 5.81 -37.36 -2.93
CA LEU D 95 4.57 -37.00 -2.26
C LEU D 95 4.80 -36.89 -0.75
N ALA D 96 5.52 -37.84 -0.12
CA ALA D 96 5.79 -37.75 1.31
C ALA D 96 6.61 -36.47 1.64
N LEU D 97 7.60 -36.13 0.79
CA LEU D 97 8.37 -34.91 0.95
C LEU D 97 7.50 -33.68 0.80
N PHE D 98 6.60 -33.66 -0.19
CA PHE D 98 5.70 -32.55 -0.42
C PHE D 98 4.84 -32.36 0.81
N ASN D 99 4.29 -33.45 1.36
CA ASN D 99 3.46 -33.34 2.57
C ASN D 99 4.25 -32.78 3.75
N ASN D 100 5.48 -33.28 3.95
CA ASN D 100 6.34 -32.84 5.06
C ASN D 100 6.81 -31.41 4.93
N GLU D 101 7.26 -31.01 3.74
CA GLU D 101 7.78 -29.66 3.56
C GLU D 101 6.68 -28.63 3.63
N THR D 102 5.48 -28.95 3.10
CA THR D 102 4.34 -28.04 3.17
C THR D 102 3.93 -27.85 4.63
N GLN D 103 3.98 -28.93 5.42
CA GLN D 103 3.64 -28.79 6.82
C GLN D 103 4.67 -27.89 7.53
N ALA D 104 5.96 -28.01 7.18
CA ALA D 104 7.01 -27.21 7.79
C ALA D 104 6.80 -25.75 7.45
N VAL D 105 6.43 -25.45 6.18
CA VAL D 105 6.12 -24.10 5.75
C VAL D 105 4.93 -23.53 6.55
N LEU D 106 3.85 -24.32 6.65
CA LEU D 106 2.67 -23.89 7.40
C LEU D 106 2.91 -23.67 8.88
N THR D 107 3.80 -24.47 9.51
CA THR D 107 4.15 -24.27 10.91
C THR D 107 4.94 -22.96 11.05
N ALA D 108 5.86 -22.71 10.10
CA ALA D 108 6.65 -21.50 10.15
C ALA D 108 5.75 -20.30 10.00
N ARG D 109 4.73 -20.40 9.13
CA ARG D 109 3.73 -19.35 8.95
C ARG D 109 3.01 -19.05 10.26
N ASP D 110 2.58 -20.11 11.01
CA ASP D 110 1.92 -19.97 12.32
C ASP D 110 2.87 -19.26 13.29
N HIS D 111 4.13 -19.66 13.32
CA HIS D 111 5.12 -19.09 14.22
C HIS D 111 5.39 -17.63 13.93
N VAL D 112 5.42 -17.26 12.63
CA VAL D 112 5.61 -15.87 12.24
C VAL D 112 4.48 -15.01 12.80
N HIS D 113 3.24 -15.44 12.60
CA HIS D 113 2.11 -14.71 13.10
C HIS D 113 2.11 -14.59 14.61
N LYS D 114 2.48 -15.68 15.31
CA LYS D 114 2.54 -15.73 16.75
C LYS D 114 3.61 -14.77 17.29
N HIS D 115 4.79 -14.76 16.68
CA HIS D 115 5.86 -13.86 17.09
C HIS D 115 5.47 -12.42 16.77
N ARG D 116 4.79 -12.21 15.65
CA ARG D 116 4.35 -10.87 15.28
C ARG D 116 3.31 -10.37 16.26
N ALA D 117 2.38 -11.24 16.68
CA ALA D 117 1.37 -10.85 17.65
C ALA D 117 2.00 -10.50 19.00
N ALA D 118 3.06 -11.21 19.41
CA ALA D 118 3.79 -10.92 20.64
C ALA D 118 4.57 -9.58 20.52
N ALA D 119 5.16 -9.32 19.33
CA ALA D 119 5.86 -8.06 19.06
C ALA D 119 4.87 -6.90 19.16
N LEU D 120 3.64 -7.07 18.63
CA LEU D 120 2.59 -6.05 18.61
C LEU D 120 2.15 -5.76 19.97
N GLN D 121 1.83 -6.81 20.76
CA GLN D 121 1.38 -6.70 22.13
C GLN D 121 2.47 -6.04 22.97
N GLY D 122 3.73 -6.44 22.76
CA GLY D 122 4.89 -5.87 23.44
C GLY D 122 5.00 -4.40 23.15
N TRP D 123 4.83 -4.02 21.87
CA TRP D 123 4.86 -2.61 21.46
C TRP D 123 3.75 -1.81 22.15
N SER D 124 2.51 -2.33 22.08
CA SER D 124 1.36 -1.71 22.69
C SER D 124 1.55 -1.54 24.20
N ASP D 125 2.00 -2.60 24.92
CA ASP D 125 2.25 -2.50 26.36
C ASP D 125 3.37 -1.49 26.66
N ALA D 126 4.45 -1.53 25.87
CA ALA D 126 5.57 -0.63 26.03
C ALA D 126 5.15 0.80 25.87
N LYS D 127 4.24 1.09 24.92
CA LYS D 127 3.75 2.44 24.66
C LYS D 127 2.87 2.91 25.79
N GLU D 128 1.96 2.05 26.24
CA GLU D 128 1.05 2.35 27.36
C GLU D 128 1.88 2.79 28.57
N LYS D 129 2.83 1.94 28.97
CA LYS D 129 3.71 2.17 30.10
C LYS D 129 4.69 3.33 29.91
N GLY D 130 5.30 3.40 28.74
CA GLY D 130 6.31 4.40 28.42
C GLY D 130 5.76 5.80 28.39
N ASP D 131 4.64 5.99 27.72
CA ASP D 131 3.99 7.30 27.63
C ASP D 131 3.54 7.81 29.01
N ALA D 132 2.99 6.91 29.84
CA ALA D 132 2.55 7.27 31.19
C ALA D 132 3.73 7.68 32.06
N ALA D 133 4.82 6.89 32.04
CA ALA D 133 6.02 7.20 32.84
C ALA D 133 6.65 8.53 32.38
N ALA D 134 6.64 8.80 31.05
CA ALA D 134 7.16 10.06 30.52
C ALA D 134 6.32 11.23 31.00
N GLU D 135 4.99 11.05 31.05
CA GLU D 135 4.10 12.07 31.59
C GLU D 135 4.40 12.38 33.04
N ASP D 136 4.65 11.36 33.89
CA ASP D 136 5.00 11.65 35.28
C ASP D 136 6.29 12.46 35.41
N VAL D 137 7.30 12.13 34.60
CA VAL D 137 8.53 12.90 34.59
C VAL D 137 8.25 14.35 34.16
N TRP D 138 7.34 14.55 33.18
CA TRP D 138 7.04 15.89 32.68
C TRP D 138 6.37 16.76 33.71
N VAL D 139 5.67 16.15 34.68
CA VAL D 139 5.09 16.91 35.81
C VAL D 139 6.23 17.63 36.52
N LEU D 140 7.33 16.91 36.77
CA LEU D 140 8.50 17.47 37.45
C LEU D 140 9.21 18.50 36.59
N LEU D 141 9.41 18.19 35.30
CA LEU D 141 10.08 19.10 34.37
C LEU D 141 9.32 20.39 34.21
N ASN D 142 8.00 20.32 34.05
CA ASN D 142 7.20 21.52 33.91
C ASN D 142 7.23 22.34 35.18
N ALA D 143 7.15 21.69 36.36
CA ALA D 143 7.23 22.41 37.63
C ALA D 143 8.59 23.07 37.78
N ALA D 144 9.65 22.41 37.29
CA ALA D 144 11.00 22.93 37.36
C ALA D 144 11.23 24.21 36.55
N LYS D 145 10.29 24.61 35.67
CA LYS D 145 10.45 25.86 34.93
C LYS D 145 10.17 27.11 35.79
N LYS D 146 9.50 26.93 36.93
CA LYS D 146 9.11 28.05 37.78
C LYS D 146 9.46 27.81 39.22
N GLY D 147 9.49 28.92 39.99
CA GLY D 147 9.71 28.99 41.43
C GLY D 147 11.14 28.86 41.90
N ASN D 148 11.32 28.20 43.06
CA ASN D 148 12.61 27.88 43.65
C ASN D 148 13.38 26.92 42.72
N GLY D 149 14.62 26.67 43.03
CA GLY D 149 15.46 25.92 42.12
C GLY D 149 16.22 26.96 41.34
N SER D 150 17.46 26.63 40.99
CA SER D 150 18.35 27.56 40.34
C SER D 150 17.85 28.04 38.97
N ALA D 151 18.31 29.24 38.55
CA ALA D 151 18.03 29.78 37.22
C ALA D 151 18.55 28.83 36.14
N ASP D 152 19.64 28.09 36.41
CA ASP D 152 20.17 27.09 35.49
C ASP D 152 19.26 25.87 35.33
N ALA D 153 18.62 25.45 36.45
CA ALA D 153 17.65 24.37 36.45
C ALA D 153 16.46 24.78 35.58
N LYS D 154 15.93 26.01 35.81
CA LYS D 154 14.77 26.51 35.03
C LYS D 154 15.09 26.61 33.53
N ALA D 155 16.25 27.14 33.18
CA ALA D 155 16.66 27.28 31.79
C ALA D 155 16.76 25.91 31.10
N ALA D 156 17.41 24.93 31.77
CA ALA D 156 17.52 23.58 31.26
C ALA D 156 16.13 22.96 31.07
N ALA D 157 15.19 23.21 31.98
CA ALA D 157 13.83 22.69 31.84
C ALA D 157 13.13 23.33 30.64
N GLU D 158 13.37 24.62 30.38
CA GLU D 158 12.80 25.36 29.26
C GLU D 158 13.34 24.85 27.95
N LYS D 159 14.59 24.39 27.93
CA LYS D 159 15.23 23.83 26.74
C LYS D 159 14.84 22.42 26.39
N CYS D 160 14.35 21.65 27.37
CA CYS D 160 14.06 20.23 27.21
C CYS D 160 13.01 19.95 26.16
N SER D 161 13.38 19.19 25.12
CA SER D 161 12.42 18.75 24.10
C SER D 161 11.69 17.48 24.58
N ARG D 162 10.49 17.23 24.04
CA ARG D 162 9.74 16.01 24.35
C ARG D 162 10.41 14.77 23.77
N TYR D 163 11.10 14.94 22.64
CA TYR D 163 11.61 13.85 21.83
C TYR D 163 13.12 13.68 21.87
N SER D 164 13.53 12.43 21.85
CA SER D 164 14.93 12.07 21.74
C SER D 164 15.43 12.48 20.34
N SER D 165 16.73 12.66 20.21
CA SER D 165 17.40 13.05 18.97
C SER D 165 17.58 11.85 18.02
N SER D 166 17.54 10.59 18.54
CA SER D 166 17.68 9.35 17.78
C SER D 166 16.79 8.24 18.35
N SER D 167 16.80 7.07 17.72
CA SER D 167 16.08 5.91 18.21
C SER D 167 16.67 5.40 19.51
N THR D 168 15.85 4.83 20.40
CA THR D 168 16.35 4.29 21.67
C THR D 168 16.77 2.81 21.48
N SER D 169 17.23 2.17 22.55
CA SER D 169 17.68 0.79 22.55
C SER D 169 17.65 0.34 23.99
N GLU D 170 17.84 -0.96 24.22
CA GLU D 170 17.92 -1.48 25.57
C GLU D 170 19.01 -0.78 26.37
N THR D 171 20.18 -0.59 25.74
CA THR D 171 21.35 0.06 26.33
C THR D 171 21.08 1.50 26.70
N GLU D 172 20.51 2.29 25.78
CA GLU D 172 20.24 3.70 26.03
C GLU D 172 19.17 3.90 27.06
N LEU D 173 18.09 3.11 26.97
CA LEU D 173 17.02 3.25 27.95
C LEU D 173 17.56 2.91 29.33
N GLN D 174 18.29 1.80 29.43
CA GLN D 174 18.85 1.38 30.71
C GLN D 174 19.78 2.45 31.31
N LYS D 175 20.61 3.06 30.46
CA LYS D 175 21.55 4.10 30.84
C LYS D 175 20.82 5.29 31.47
N ALA D 176 19.68 5.67 30.84
CA ALA D 176 18.84 6.79 31.29
C ALA D 176 18.20 6.47 32.63
N ILE D 177 17.71 5.25 32.78
CA ILE D 177 17.09 4.81 34.03
C ILE D 177 18.10 4.84 35.17
N ASP D 178 19.28 4.28 34.92
CA ASP D 178 20.36 4.20 35.90
C ASP D 178 20.82 5.60 36.32
N ALA D 179 20.93 6.54 35.37
CA ALA D 179 21.34 7.90 35.72
C ALA D 179 20.30 8.60 36.60
N ALA D 180 19.02 8.33 36.34
CA ALA D 180 17.91 8.90 37.08
C ALA D 180 17.74 8.30 38.47
N ALA D 181 18.39 7.16 38.76
CA ALA D 181 18.32 6.51 40.09
C ALA D 181 18.83 7.45 41.17
N ASN D 182 19.69 8.37 40.80
CA ASN D 182 20.27 9.33 41.74
C ASN D 182 19.29 10.48 42.13
N VAL D 183 18.18 10.63 41.38
CA VAL D 183 17.22 11.75 41.49
C VAL D 183 16.02 11.43 42.34
N GLY D 184 15.91 12.14 43.45
CA GLY D 184 14.83 11.94 44.43
C GLY D 184 13.44 11.74 43.85
N GLY D 185 12.93 12.77 43.17
CA GLY D 185 11.57 12.71 42.64
C GLY D 185 11.28 11.56 41.67
N LEU D 186 12.28 11.18 40.88
CA LEU D 186 12.10 10.18 39.86
C LEU D 186 12.17 8.80 40.41
N SER D 187 12.84 8.66 41.55
CA SER D 187 13.12 7.38 42.19
C SER D 187 11.89 6.63 42.61
N ALA D 188 10.81 7.37 42.89
CA ALA D 188 9.54 6.74 43.26
C ALA D 188 8.99 5.83 42.13
N HIS D 189 9.28 6.16 40.86
CA HIS D 189 8.78 5.42 39.70
C HIS D 189 9.73 4.34 39.15
N LYS D 190 10.77 3.94 39.90
CA LYS D 190 11.77 2.98 39.40
C LYS D 190 11.22 1.66 38.84
N SER D 191 10.18 1.10 39.48
CA SER D 191 9.60 -0.15 39.00
C SER D 191 8.85 0.09 37.71
N LYS D 192 8.17 1.25 37.56
CA LYS D 192 7.51 1.57 36.28
C LYS D 192 8.57 1.52 35.17
N TYR D 193 9.75 2.17 35.38
CA TYR D 193 10.83 2.23 34.38
C TYR D 193 11.31 0.85 33.95
N GLY D 194 11.51 -0.04 34.93
CA GLY D 194 11.91 -1.42 34.68
C GLY D 194 10.96 -2.17 33.76
N ASP D 195 9.64 -2.01 33.97
CA ASP D 195 8.61 -2.70 33.18
C ASP D 195 8.63 -2.20 31.77
N VAL D 196 8.90 -0.90 31.57
CA VAL D 196 8.97 -0.34 30.22
C VAL D 196 10.13 -1.02 29.47
N LEU D 197 11.28 -1.10 30.11
CA LEU D 197 12.46 -1.72 29.51
C LEU D 197 12.22 -3.19 29.19
N ASN D 198 11.56 -3.94 30.09
CA ASN D 198 11.30 -5.34 29.80
C ASN D 198 10.39 -5.48 28.58
N LYS D 199 9.36 -4.61 28.46
CA LYS D 199 8.45 -4.65 27.29
C LYS D 199 9.18 -4.28 26.01
N PHE D 200 10.11 -3.35 26.06
CA PHE D 200 10.92 -3.01 24.91
C PHE D 200 11.72 -4.24 24.46
N LYS D 201 12.42 -4.93 25.41
CA LYS D 201 13.24 -6.09 25.09
C LYS D 201 12.44 -7.20 24.48
N LEU D 202 11.25 -7.44 25.06
CA LEU D 202 10.33 -8.48 24.63
C LEU D 202 9.87 -8.25 23.20
N SER D 203 9.46 -7.00 22.90
CA SER D 203 8.99 -6.67 21.56
C SER D 203 10.09 -6.89 20.53
N ASN D 204 11.26 -6.35 20.83
CA ASN D 204 12.45 -6.43 20.00
C ASN D 204 12.87 -7.87 19.72
N ALA D 205 12.87 -8.72 20.76
CA ALA D 205 13.21 -10.13 20.63
C ALA D 205 12.18 -10.82 19.79
N SER D 206 10.88 -10.50 19.96
CA SER D 206 9.85 -11.11 19.10
C SER D 206 10.06 -10.75 17.64
N VAL D 207 10.52 -9.53 17.36
CA VAL D 207 10.76 -9.12 15.98
C VAL D 207 11.89 -9.94 15.39
N GLY D 208 12.94 -10.18 16.18
CA GLY D 208 14.06 -11.04 15.79
C GLY D 208 13.61 -12.45 15.45
N ALA D 209 12.68 -12.99 16.27
CA ALA D 209 12.10 -14.33 16.04
C ALA D 209 11.28 -14.41 14.76
N VAL D 210 10.53 -13.36 14.44
CA VAL D 210 9.78 -13.27 13.18
C VAL D 210 10.76 -13.45 12.02
N ARG D 211 11.86 -12.68 12.04
CA ARG D 211 12.84 -12.70 10.94
C ARG D 211 13.49 -14.07 10.77
N ASP D 212 13.91 -14.69 11.88
CA ASP D 212 14.57 -16.01 11.83
C ASP D 212 13.59 -17.08 11.39
N THR D 213 12.37 -17.05 11.94
CA THR D 213 11.36 -18.02 11.57
C THR D 213 11.03 -17.92 10.10
N SER D 214 10.87 -16.69 9.61
CA SER D 214 10.54 -16.44 8.23
C SER D 214 11.64 -17.00 7.28
N GLY D 215 12.90 -16.89 7.67
CA GLY D 215 14.00 -17.42 6.87
C GLY D 215 13.93 -18.93 6.73
N ARG D 216 13.63 -19.62 7.84
CA ARG D 216 13.49 -21.08 7.86
C ARG D 216 12.32 -21.51 6.96
N GLY D 217 11.20 -20.79 7.08
CA GLY D 217 10.03 -21.01 6.25
C GLY D 217 10.34 -20.97 4.77
N GLY D 218 11.10 -19.94 4.34
CA GLY D 218 11.51 -19.75 2.95
C GLY D 218 12.33 -20.90 2.40
N LYS D 219 13.22 -21.48 3.25
CA LYS D 219 14.03 -22.64 2.88
C LYS D 219 13.15 -23.85 2.65
N HIS D 220 12.14 -24.05 3.51
CA HIS D 220 11.20 -25.14 3.33
C HIS D 220 10.39 -24.92 2.05
N MET D 221 9.95 -23.68 1.80
CA MET D 221 9.19 -23.38 0.61
C MET D 221 9.94 -23.65 -0.68
N GLU D 222 11.25 -23.43 -0.71
CA GLU D 222 12.02 -23.75 -1.89
C GLU D 222 11.97 -25.25 -2.19
N LYS D 223 11.97 -26.09 -1.13
CA LYS D 223 11.89 -27.55 -1.31
C LYS D 223 10.51 -27.94 -1.81
N VAL D 224 9.48 -27.27 -1.27
CA VAL D 224 8.09 -27.48 -1.70
C VAL D 224 8.00 -27.19 -3.20
N ASN D 225 8.52 -26.06 -3.65
CA ASN D 225 8.44 -25.72 -5.06
C ASN D 225 9.09 -26.75 -5.93
N ASN D 226 10.26 -27.25 -5.52
CA ASN D 226 11.00 -28.24 -6.30
C ASN D 226 10.29 -29.58 -6.42
N VAL D 227 9.81 -30.11 -5.28
CA VAL D 227 9.14 -31.41 -5.26
C VAL D 227 7.73 -31.35 -5.90
N ALA D 228 7.04 -30.20 -5.83
CA ALA D 228 5.75 -30.02 -6.49
C ALA D 228 5.92 -30.16 -8.02
N LYS D 229 6.99 -29.61 -8.57
CA LYS D 229 7.25 -29.71 -10.00
C LYS D 229 7.53 -31.13 -10.40
N LEU D 230 8.31 -31.86 -9.60
CA LEU D 230 8.60 -33.28 -9.88
C LEU D 230 7.32 -34.12 -9.91
N LEU D 231 6.36 -33.83 -9.02
CA LEU D 231 5.10 -34.57 -8.98
C LEU D 231 4.23 -34.26 -10.21
N LYS D 232 4.09 -32.96 -10.56
CA LYS D 232 3.34 -32.55 -11.74
C LYS D 232 3.93 -33.14 -12.97
N ASP D 233 5.26 -33.17 -13.06
CA ASP D 233 5.92 -33.75 -14.22
C ASP D 233 5.65 -35.28 -14.35
N ALA D 234 5.44 -35.97 -13.22
CA ALA D 234 5.19 -37.41 -13.22
C ALA D 234 3.74 -37.80 -13.46
N GLU D 235 2.83 -36.82 -13.52
CA GLU D 235 1.40 -37.03 -13.65
C GLU D 235 0.99 -38.01 -14.74
N VAL D 236 1.52 -37.82 -15.94
CA VAL D 236 1.13 -38.68 -17.05
C VAL D 236 1.59 -40.12 -16.83
N SER D 237 2.84 -40.33 -16.40
CA SER D 237 3.32 -41.69 -16.15
C SER D 237 2.61 -42.33 -14.96
N LEU D 238 2.21 -41.53 -13.97
CA LEU D 238 1.45 -42.04 -12.84
C LEU D 238 0.04 -42.51 -13.27
N ALA D 239 -0.61 -41.76 -14.17
CA ALA D 239 -1.93 -42.13 -14.69
C ALA D 239 -1.82 -43.44 -15.46
N ALA D 240 -0.73 -43.60 -16.28
CA ALA D 240 -0.46 -44.82 -17.03
C ALA D 240 -0.30 -45.98 -16.06
N ALA D 241 0.51 -45.82 -15.00
CA ALA D 241 0.71 -46.86 -13.98
C ALA D 241 -0.61 -47.27 -13.29
N ALA D 242 -1.47 -46.30 -12.97
CA ALA D 242 -2.75 -46.60 -12.34
C ALA D 242 -3.61 -47.47 -13.26
N ALA D 243 -3.64 -47.17 -14.59
CA ALA D 243 -4.41 -47.98 -15.55
C ALA D 243 -3.83 -49.38 -15.69
N GLU D 244 -2.50 -49.52 -15.74
CA GLU D 244 -1.86 -50.83 -15.90
C GLU D 244 -2.15 -51.71 -14.71
N ILE D 245 -2.00 -51.21 -13.49
CA ILE D 245 -2.25 -52.02 -12.30
C ILE D 245 -3.75 -52.36 -12.18
N GLU D 246 -4.63 -51.46 -12.64
CA GLU D 246 -6.06 -51.74 -12.65
C GLU D 246 -6.35 -52.90 -13.61
N GLU D 247 -5.65 -52.96 -14.76
CA GLU D 247 -5.78 -54.05 -15.74
C GLU D 247 -5.31 -55.33 -15.10
N VAL D 248 -4.16 -55.29 -14.42
CA VAL D 248 -3.63 -56.48 -13.75
C VAL D 248 -4.64 -56.98 -12.75
N LYS D 249 -5.17 -56.06 -11.94
CA LYS D 249 -6.17 -56.40 -10.92
C LYS D 249 -7.43 -57.00 -11.58
N ASN D 250 -7.86 -56.45 -12.73
CA ASN D 250 -9.06 -56.92 -13.42
C ASN D 250 -8.90 -58.29 -14.01
N ALA D 251 -7.69 -58.60 -14.51
CA ALA D 251 -7.38 -59.94 -15.04
C ALA D 251 -7.39 -60.98 -13.92
N HIS D 252 -6.85 -60.64 -12.74
CA HIS D 252 -6.89 -61.57 -11.61
C HIS D 252 -8.31 -61.78 -11.08
N GLU D 253 -9.19 -60.75 -11.14
CA GLU D 253 -10.59 -60.87 -10.72
C GLU D 253 -11.30 -61.90 -11.61
N THR D 254 -11.13 -61.75 -12.95
CA THR D 254 -11.76 -62.65 -13.91
C THR D 254 -11.14 -64.06 -13.86
N LYS D 255 -9.85 -64.19 -13.47
CA LYS D 255 -9.24 -65.52 -13.33
C LYS D 255 -9.86 -66.23 -12.13
N VAL D 256 -10.23 -65.48 -11.07
CA VAL D 256 -10.83 -66.07 -9.86
C VAL D 256 -12.28 -66.48 -10.15
N GLN D 257 -13.05 -65.59 -10.82
CA GLN D 257 -14.41 -65.93 -11.21
C GLN D 257 -14.43 -67.22 -12.04
N GLU D 258 -13.61 -67.27 -13.09
CA GLU D 258 -13.52 -68.40 -14.01
C GLU D 258 -13.01 -69.68 -13.37
N GLU D 259 -12.27 -69.56 -12.25
CA GLU D 259 -11.78 -70.72 -11.50
C GLU D 259 -12.75 -71.28 -10.47
N MET D 260 -13.77 -70.51 -10.06
CA MET D 260 -14.82 -70.97 -9.12
C MET D 260 -15.82 -71.89 -9.86
CHA HEM E . -18.65 18.49 -18.60
CHB HEM E . -19.60 15.05 -15.35
CHC HEM E . -15.53 16.09 -13.04
CHD HEM E . -14.84 19.76 -16.05
C1A HEM E . -19.20 17.44 -17.92
C2A HEM E . -20.52 16.96 -18.19
C3A HEM E . -20.80 16.01 -17.26
C4A HEM E . -19.64 15.87 -16.46
CMA HEM E . -22.07 15.17 -17.19
CAA HEM E . -21.49 17.46 -19.24
CBA HEM E . -21.37 16.82 -20.61
CGA HEM E . -22.25 17.66 -21.52
O1A HEM E . -21.90 18.83 -21.81
O2A HEM E . -23.35 17.21 -21.96
C1B HEM E . -18.55 15.05 -14.43
C2B HEM E . -18.48 14.12 -13.34
C3B HEM E . -17.32 14.42 -12.65
C4B HEM E . -16.72 15.52 -13.42
CMB HEM E . -19.51 13.03 -13.04
CAB HEM E . -16.71 13.83 -11.43
CBB HEM E . -17.35 13.10 -10.51
C1C HEM E . -14.94 17.13 -13.72
C2C HEM E . -13.94 17.92 -13.13
C3C HEM E . -13.75 19.02 -13.98
C4C HEM E . -14.66 18.83 -15.06
CMC HEM E . -13.17 17.56 -11.88
CAC HEM E . -12.74 20.10 -13.88
CBC HEM E . -12.26 20.58 -12.74
C1D HEM E . -15.81 19.67 -17.01
C2D HEM E . -15.93 20.69 -18.07
C3D HEM E . -17.00 20.34 -18.80
C4D HEM E . -17.52 19.12 -18.15
CMD HEM E . -15.00 21.86 -18.29
CAD HEM E . -17.52 21.02 -20.05
CBD HEM E . -18.48 22.17 -19.70
CGD HEM E . -19.50 22.35 -20.81
O1D HEM E . -19.13 22.80 -21.92
O2D HEM E . -20.71 22.05 -20.61
NA HEM E . -18.95 17.03 -16.64
NB HEM E . -17.47 15.83 -14.48
NC HEM E . -15.57 17.96 -14.57
ND HEM E . -16.78 18.76 -17.10
FE HEM E . -17.07 17.33 -15.95
O1 OXY F . -18.24 18.65 -14.63
O2 OXY F . -17.74 18.94 -13.70
CHA HEM G . 1.87 11.59 17.15
CHB HEM G . -0.75 15.37 15.70
CHC HEM G . -1.12 13.38 11.30
CHD HEM G . 0.90 9.30 13.03
C1A HEM G . 1.27 12.83 17.05
C2A HEM G . 1.30 13.77 18.11
C3A HEM G . 0.58 14.85 17.68
C4A HEM G . 0.11 14.54 16.39
CMA HEM G . 0.36 16.16 18.42
CAA HEM G . 2.22 13.76 19.32
CBA HEM G . 1.70 13.07 20.58
CGA HEM G . 2.90 12.69 21.44
O1A HEM G . 3.44 11.57 21.29
O2A HEM G . 3.36 13.47 22.32
C1B HEM G . -0.97 15.18 14.32
C2B HEM G . -1.64 16.16 13.54
C3B HEM G . -1.78 15.64 12.28
C4B HEM G . -1.12 14.30 12.35
CMB HEM G . -2.08 17.54 13.99
CAB HEM G . -2.47 16.33 11.14
CBB HEM G . -2.04 16.34 9.88
C1C HEM G . -0.58 12.09 11.39
C2C HEM G . -0.70 11.12 10.37
C3C HEM G . -0.10 9.97 10.87
C4C HEM G . 0.36 10.28 12.20
CMC HEM G . -1.24 11.34 8.98
CAC HEM G . 0.17 8.72 10.13
CBC HEM G . -0.81 8.08 9.52
C1D HEM G . 1.38 9.63 14.29
C2D HEM G . 2.18 8.68 15.12
C3D HEM G . 2.40 9.33 16.27
C4D HEM G . 1.83 10.67 16.12
CMD HEM G . 2.58 7.26 14.82
CAD HEM G . 3.29 8.86 17.38
CBD HEM G . 2.62 8.27 18.61
CGD HEM G . 3.78 7.71 19.39
O1D HEM G . 4.41 8.40 20.22
O2D HEM G . 4.16 6.53 19.14
NA HEM G . 0.25 13.19 16.19
NB HEM G . -0.68 14.09 13.60
NC HEM G . -0.34 11.40 12.55
ND HEM G . 1.18 10.79 14.95
FE HEM G . 0.29 12.35 14.34
O1 OXY H . -1.51 11.57 15.15
O2 OXY H . -2.46 11.15 14.89
C1 NAG I . 5.85 22.32 -17.99
C2 NAG I . 6.93 22.97 -17.13
C3 NAG I . 7.69 24.01 -17.96
C4 NAG I . 6.87 24.53 -19.15
C5 NAG I . 6.33 23.41 -20.06
C6 NAG I . 7.15 23.19 -21.30
C7 NAG I . 6.81 23.62 -14.74
C8 NAG I . 5.99 24.30 -13.69
N2 NAG I . 6.30 23.62 -15.98
O3 NAG I . 8.94 23.49 -18.41
O4 NAG I . 5.81 25.38 -18.73
O5 NAG I . 6.28 22.16 -19.34
O6 NAG I . 6.47 22.34 -22.21
O7 NAG I . 7.89 23.10 -14.47
C1 NAG J . 8.48 -10.31 -32.70
C2 NAG J . 9.55 -11.20 -32.07
C3 NAG J . 9.86 -12.32 -33.06
C4 NAG J . 8.61 -13.15 -33.34
C5 NAG J . 7.50 -12.27 -33.91
C6 NAG J . 6.14 -12.95 -33.93
C7 NAG J . 11.25 -10.35 -30.48
C8 NAG J . 12.55 -9.61 -30.36
N2 NAG J . 10.75 -10.45 -31.73
O3 NAG J . 10.90 -13.17 -32.57
O4 NAG J . 8.92 -14.20 -34.25
O5 NAG J . 7.33 -11.08 -33.10
O6 NAG J . 6.16 -14.22 -34.58
O7 NAG J . 10.67 -10.82 -29.50
#